data_5A7W
#
_entry.id   5A7W
#
_cell.length_a   101.240
_cell.length_b   149.750
_cell.length_c   57.340
_cell.angle_alpha   90.00
_cell.angle_beta   90.00
_cell.angle_gamma   90.00
#
_symmetry.space_group_name_H-M   'P 21 21 2'
#
loop_
_entity.id
_entity.type
_entity.pdbx_description
1 polymer 'LYSINE-SPECIFIC DEMETHYLASE 4A'
2 polymer 'LYSINE-SPECIFIC DEMETHYLASE 4A'
3 non-polymer 'SULFATE ION'
4 non-polymer '2-[5-[(4-hydroxyphenyl)carbonylamino]-2-oxidanyl-phenyl]pyridine-4-carboxylic acid'
5 non-polymer 'MANGANESE (II) ION'
6 non-polymer 'ZINC ION'
7 non-polymer 1,2-ETHANEDIOL
8 non-polymer 'DIMETHYL SULFOXIDE'
9 water water
#
loop_
_entity_poly.entity_id
_entity_poly.type
_entity_poly.pdbx_seq_one_letter_code
_entity_poly.pdbx_strand_id
1 'polypeptide(L)'
;MHHHHHHSSGVDLGTENLYFQSMASESETLNPSARIMTFYPTMEEFRNFSRYIAYIESQGAHRAGLAKVVPPKEWKPRAS
YDDIDDLVIPAPIQQLVTGQSGLFTQYNIQKKAMTVREFRKIANSDKYCTPRYSEFEELERKYWKNLTFNPPIYGADVNG
TLYEKHVDEWNIGRLRTILDLVEKESGITIEGVNTPYLYFGMWKTSFAWHTEDMDLYSINYLHFGEPKSWYSVPPEHGKR
LERLAKGFFPGSAQSCEAFLRHKMTLISPLMLKKYGIPFDKVTQEAGEFMITFPYGYHAGFNHGFNCAESTNFATRRWIE
YGKQAVLCSCRKDMVKISMDVFVRKFQPERYKLWKAGKDNTVIDHTLPTPEAAEFLKESEL
;
A
2 'polypeptide(L)'
;MHHHHHHSSGVDLGTENLYFQSMASESETLNPSARIMTFYPTMEEFRNFSRYIAYIESQGAHRAGLAKVVPPKEWKPRAS
YDDIDDLVIPAPIQQLVTGQSGLFTQYNIQKKAMTVREFRKIANSDKYCTPRYSEFEELERKYWKNLTFNPPIYGADVNG
TLYEKHVDEWNIGRLRTILDLVEKESGITIEGVNTPYLYFGMWKTSFAWHTEDMDLYSINYLHFGEPKSWYSVPPEHGKR
LERLAKGFFPGSAESCEAFLRHKMTLISPLMLKKYGIPFDKVTQEAGEFMITFPYGYHAGFNHGFNCAESTNFATRRWIE
YGKQAVLCSCRKDMVKISMDVFVRKFQPERYKLWKAGKDNTVIDHTLPTPEAAEFLKESEL
;
B
#
loop_
_chem_comp.id
_chem_comp.type
_chem_comp.name
_chem_comp.formula
35M non-polymer '2-[5-[(4-hydroxyphenyl)carbonylamino]-2-oxidanyl-phenyl]pyridine-4-carboxylic acid' 'C19 H14 N2 O5'
DMS non-polymer 'DIMETHYL SULFOXIDE' 'C2 H6 O S'
EDO non-polymer 1,2-ETHANEDIOL 'C2 H6 O2'
MN non-polymer 'MANGANESE (II) ION' 'Mn 2'
SO4 non-polymer 'SULFATE ION' 'O4 S -2'
ZN non-polymer 'ZINC ION' 'Zn 2'
#
# COMPACT_ATOMS: atom_id res chain seq x y z
C LEU A 30 13.39 0.78 -15.43
N ASN A 31 12.06 0.83 -15.40
CA ASN A 31 11.33 1.84 -14.63
C ASN A 31 11.16 1.40 -13.17
N PRO A 32 12.16 1.70 -12.34
CA PRO A 32 12.16 1.15 -10.97
C PRO A 32 11.12 1.77 -10.03
N SER A 33 10.77 3.04 -10.29
CA SER A 33 9.73 3.75 -9.53
C SER A 33 8.30 3.49 -10.01
N ALA A 34 8.16 2.77 -11.13
CA ALA A 34 6.83 2.42 -11.65
C ALA A 34 5.99 3.69 -11.79
N ARG A 35 6.59 4.77 -12.30
CA ARG A 35 5.88 6.02 -12.55
C ARG A 35 5.30 6.10 -13.94
N ILE A 36 4.24 6.90 -14.07
CA ILE A 36 3.55 7.07 -15.33
C ILE A 36 4.37 7.88 -16.30
N MET A 37 4.74 7.24 -17.40
CA MET A 37 5.53 7.91 -18.44
C MET A 37 4.70 8.58 -19.52
N THR A 38 5.32 9.56 -20.18
CA THR A 38 4.68 10.29 -21.29
C THR A 38 5.58 10.14 -22.50
N PHE A 39 4.99 9.89 -23.66
CA PHE A 39 5.78 9.65 -24.87
C PHE A 39 5.36 10.56 -26.01
N TYR A 40 6.36 10.97 -26.77
CA TYR A 40 6.14 11.85 -27.92
C TYR A 40 6.77 11.27 -29.16
N PRO A 41 6.13 10.27 -29.78
CA PRO A 41 6.72 9.65 -30.96
C PRO A 41 6.74 10.62 -32.12
N THR A 42 7.77 10.52 -32.97
CA THR A 42 7.75 11.24 -34.24
C THR A 42 6.82 10.52 -35.20
N MET A 43 6.57 11.13 -36.36
CA MET A 43 5.62 10.56 -37.32
C MET A 43 6.05 9.18 -37.83
N GLU A 44 7.36 8.95 -37.90
CA GLU A 44 7.88 7.67 -38.39
C GLU A 44 7.65 6.56 -37.37
N GLU A 45 7.71 6.88 -36.09
CA GLU A 45 7.50 5.88 -35.04
C GLU A 45 6.02 5.58 -34.81
N PHE A 46 5.18 6.54 -35.12
CA PHE A 46 3.76 6.44 -34.86
C PHE A 46 3.01 5.44 -35.74
N ARG A 47 3.51 5.17 -36.94
CA ARG A 47 2.77 4.38 -37.95
C ARG A 47 2.47 2.93 -37.54
N ASN A 48 3.48 2.20 -37.04
CA ASN A 48 3.24 0.83 -36.57
C ASN A 48 2.89 0.83 -35.10
N PHE A 49 1.63 0.46 -34.83
CA PHE A 49 1.08 0.53 -33.48
C PHE A 49 1.70 -0.48 -32.54
N SER A 50 1.67 -1.74 -32.93
CA SER A 50 2.16 -2.81 -32.06
C SER A 50 3.64 -2.64 -31.73
N ARG A 51 4.42 -2.10 -32.65
CA ARG A 51 5.83 -1.94 -32.33
C ARG A 51 6.04 -0.79 -31.33
N TYR A 52 5.21 0.25 -31.41
CA TYR A 52 5.38 1.34 -30.43
C TYR A 52 4.98 0.87 -29.02
N ILE A 53 3.93 0.04 -28.94
CA ILE A 53 3.54 -0.56 -27.68
C ILE A 53 4.66 -1.40 -27.10
N ALA A 54 5.29 -2.17 -27.96
CA ALA A 54 6.43 -2.99 -27.58
C ALA A 54 7.61 -2.12 -27.13
N TYR A 55 7.85 -1.03 -27.87
CA TYR A 55 8.87 -0.04 -27.53
C TYR A 55 8.69 0.53 -26.11
N ILE A 56 7.50 1.01 -25.80
CA ILE A 56 7.28 1.62 -24.48
C ILE A 56 7.34 0.60 -23.35
N GLU A 57 7.16 -0.68 -23.66
CA GLU A 57 7.32 -1.71 -22.63
C GLU A 57 8.82 -2.00 -22.39
N SER A 58 9.65 -1.77 -23.40
CA SER A 58 11.09 -1.92 -23.21
C SER A 58 11.62 -0.75 -22.39
N GLN A 59 10.83 0.33 -22.37
CA GLN A 59 11.11 1.47 -21.52
C GLN A 59 10.48 1.33 -20.14
N GLY A 60 9.79 0.22 -19.90
CA GLY A 60 9.19 -0.06 -18.59
C GLY A 60 7.91 0.72 -18.27
N ALA A 61 7.32 1.37 -19.27
CA ALA A 61 6.05 2.10 -19.10
C ALA A 61 4.98 1.24 -18.44
N HIS A 62 5.04 -0.05 -18.71
CA HIS A 62 3.98 -0.95 -18.29
C HIS A 62 3.99 -1.15 -16.79
N ARG A 63 5.09 -0.80 -16.15
CA ARG A 63 5.24 -1.02 -14.72
C ARG A 63 4.33 -0.09 -13.93
N ALA A 64 3.94 1.02 -14.53
CA ALA A 64 2.97 1.94 -13.87
C ALA A 64 1.51 1.53 -14.08
N GLY A 65 1.24 0.68 -15.07
CA GLY A 65 -0.12 0.24 -15.35
C GLY A 65 -0.80 1.17 -16.33
N LEU A 66 -0.16 2.31 -16.58
CA LEU A 66 -0.76 3.38 -17.37
C LEU A 66 0.31 4.27 -17.99
N ALA A 67 0.17 4.59 -19.27
CA ALA A 67 1.11 5.47 -19.95
C ALA A 67 0.34 6.42 -20.85
N LYS A 68 0.86 7.63 -21.04
CA LYS A 68 0.21 8.59 -21.92
C LYS A 68 1.01 8.76 -23.19
N VAL A 69 0.33 8.87 -24.33
CA VAL A 69 1.08 9.02 -25.57
C VAL A 69 0.59 10.20 -26.35
N VAL A 70 1.51 11.09 -26.68
CA VAL A 70 1.14 12.30 -27.42
C VAL A 70 1.55 12.18 -28.89
N PRO A 71 0.56 12.16 -29.79
CA PRO A 71 0.84 11.99 -31.22
C PRO A 71 1.50 13.22 -31.79
N PRO A 72 2.23 13.08 -32.91
CA PRO A 72 2.86 14.25 -33.52
C PRO A 72 1.80 15.28 -33.88
N LYS A 73 2.18 16.56 -33.91
CA LYS A 73 1.25 17.64 -34.21
C LYS A 73 0.75 17.53 -35.65
N GLU A 74 1.50 16.79 -36.46
CA GLU A 74 1.15 16.60 -37.86
C GLU A 74 -0.05 15.67 -38.03
N TRP A 75 -0.53 15.09 -36.94
CA TRP A 75 -1.56 14.05 -37.01
C TRP A 75 -2.94 14.47 -36.48
N LYS A 76 -3.99 14.00 -37.15
CA LYS A 76 -5.36 14.27 -36.71
C LYS A 76 -6.32 13.21 -37.25
N PRO A 77 -7.16 12.64 -36.36
CA PRO A 77 -8.04 11.51 -36.71
C PRO A 77 -9.33 11.92 -37.40
N ARG A 78 -9.67 13.21 -37.38
CA ARG A 78 -10.92 13.67 -38.00
C ARG A 78 -10.85 15.15 -38.29
N ALA A 79 -11.42 15.54 -39.44
CA ALA A 79 -11.44 16.91 -39.92
C ALA A 79 -12.05 17.88 -38.90
N SER A 80 -13.35 17.73 -38.66
CA SER A 80 -14.00 18.50 -37.60
C SER A 80 -15.15 17.73 -36.92
N TYR A 81 -15.38 18.08 -35.67
CA TYR A 81 -16.43 17.46 -34.84
C TYR A 81 -17.69 18.34 -34.83
N ASP A 82 -18.41 18.41 -35.95
CA ASP A 82 -19.56 19.30 -36.08
C ASP A 82 -20.83 18.54 -36.43
N ASP A 83 -20.64 17.41 -37.09
CA ASP A 83 -21.73 16.51 -37.44
C ASP A 83 -22.39 15.97 -36.18
N ILE A 84 -21.65 16.04 -35.08
CA ILE A 84 -21.91 15.22 -33.91
C ILE A 84 -23.16 15.56 -33.14
N ASP A 85 -23.61 16.82 -33.20
CA ASP A 85 -24.76 17.25 -32.40
C ASP A 85 -26.03 16.41 -32.62
N ASP A 86 -26.12 15.75 -33.77
CA ASP A 86 -27.32 14.97 -34.09
C ASP A 86 -27.16 13.53 -33.66
N LEU A 87 -25.96 13.15 -33.24
CA LEU A 87 -25.68 11.78 -32.84
C LEU A 87 -26.40 11.40 -31.54
N VAL A 88 -26.88 10.15 -31.50
CA VAL A 88 -27.66 9.67 -30.36
C VAL A 88 -26.86 8.87 -29.31
N ILE A 89 -27.15 9.17 -28.04
CA ILE A 89 -26.71 8.37 -26.91
C ILE A 89 -27.85 7.48 -26.47
N PRO A 90 -27.78 6.19 -26.82
CA PRO A 90 -28.92 5.28 -26.65
C PRO A 90 -29.30 5.12 -25.18
N ALA A 91 -28.29 5.09 -24.32
CA ALA A 91 -28.49 4.75 -22.92
C ALA A 91 -27.71 5.67 -21.98
N PRO A 92 -28.18 6.92 -21.80
CA PRO A 92 -27.49 7.78 -20.82
C PRO A 92 -27.57 7.18 -19.39
N ILE A 93 -26.49 7.31 -18.62
CA ILE A 93 -26.42 6.71 -17.28
C ILE A 93 -26.30 7.82 -16.24
N GLN A 94 -27.22 7.87 -15.27
CA GLN A 94 -27.05 8.85 -14.19
C GLN A 94 -26.32 8.21 -13.01
N GLN A 95 -25.14 8.75 -12.71
CA GLN A 95 -24.26 8.21 -11.68
C GLN A 95 -24.60 8.72 -10.30
N LEU A 96 -25.27 7.88 -9.51
CA LEU A 96 -25.50 8.22 -8.12
C LEU A 96 -24.44 7.58 -7.20
N VAL A 97 -23.87 8.36 -6.30
CA VAL A 97 -22.78 7.89 -5.46
C VAL A 97 -23.14 7.99 -3.97
N THR A 98 -23.01 6.86 -3.30
CA THR A 98 -23.22 6.77 -1.87
C THR A 98 -21.90 6.41 -1.19
N GLY A 99 -21.65 6.99 -0.01
CA GLY A 99 -20.49 6.65 0.77
C GLY A 99 -20.03 7.79 1.66
N GLN A 100 -18.85 7.63 2.23
CA GLN A 100 -18.22 8.68 3.03
C GLN A 100 -16.76 8.30 3.26
N SER A 101 -15.96 9.25 3.75
CA SER A 101 -14.61 8.94 4.21
C SER A 101 -13.73 8.18 3.22
N GLY A 102 -13.70 8.63 1.97
CA GLY A 102 -12.87 8.01 0.95
C GLY A 102 -13.37 6.74 0.27
N LEU A 103 -14.36 6.08 0.87
CA LEU A 103 -14.93 4.86 0.30
C LEU A 103 -16.35 5.06 -0.22
N PHE A 104 -16.56 4.93 -1.53
CA PHE A 104 -17.86 5.18 -2.16
C PHE A 104 -18.33 4.02 -3.05
N THR A 105 -19.64 3.89 -3.23
CA THR A 105 -20.21 2.91 -4.15
C THR A 105 -21.11 3.64 -5.11
N GLN A 106 -20.89 3.37 -6.38
CA GLN A 106 -21.53 4.08 -7.44
C GLN A 106 -22.65 3.27 -8.05
N TYR A 107 -23.87 3.81 -8.01
CA TYR A 107 -25.01 3.14 -8.64
C TYR A 107 -25.38 3.83 -9.94
N ASN A 108 -25.57 3.05 -11.01
CA ASN A 108 -25.82 3.57 -12.34
C ASN A 108 -27.28 3.49 -12.78
N ILE A 109 -28.08 4.51 -12.45
CA ILE A 109 -29.48 4.65 -12.88
C ILE A 109 -29.61 5.00 -14.37
N GLN A 110 -30.16 4.10 -15.19
CA GLN A 110 -30.26 4.41 -16.63
C GLN A 110 -31.41 5.36 -16.97
N LYS A 111 -31.08 6.39 -17.75
CA LYS A 111 -32.04 7.37 -18.18
C LYS A 111 -32.39 7.10 -19.64
N LYS A 112 -33.23 7.95 -20.21
CA LYS A 112 -33.68 7.73 -21.58
C LYS A 112 -32.84 8.49 -22.60
N ALA A 113 -32.82 7.94 -23.82
CA ALA A 113 -31.91 8.37 -24.88
C ALA A 113 -31.93 9.86 -25.16
N MET A 114 -30.81 10.37 -25.67
CA MET A 114 -30.68 11.77 -26.01
C MET A 114 -29.52 11.98 -26.95
N THR A 115 -29.39 13.19 -27.49
CA THR A 115 -28.36 13.50 -28.47
C THR A 115 -27.15 14.20 -27.88
N VAL A 116 -26.12 14.37 -28.69
CA VAL A 116 -24.96 15.13 -28.29
C VAL A 116 -25.34 16.61 -28.10
N ARG A 117 -26.26 17.12 -28.91
CA ARG A 117 -26.74 18.50 -28.76
C ARG A 117 -27.44 18.70 -27.42
N GLU A 118 -28.24 17.72 -27.03
CA GLU A 118 -28.96 17.75 -25.77
C GLU A 118 -28.00 17.64 -24.58
N PHE A 119 -27.10 16.67 -24.66
CA PHE A 119 -26.13 16.40 -23.61
C PHE A 119 -25.24 17.63 -23.36
N ARG A 120 -24.71 18.24 -24.41
CA ARG A 120 -23.85 19.41 -24.28
C ARG A 120 -24.60 20.57 -23.60
N LYS A 121 -25.91 20.63 -23.83
CA LYS A 121 -26.73 21.65 -23.19
C LYS A 121 -26.75 21.44 -21.68
N ILE A 122 -26.98 20.19 -21.25
CA ILE A 122 -27.06 19.86 -19.83
C ILE A 122 -25.69 19.87 -19.15
N ALA A 123 -24.65 19.58 -19.91
CA ALA A 123 -23.28 19.56 -19.40
C ALA A 123 -22.75 20.97 -19.13
N ASN A 124 -23.15 21.91 -19.98
CA ASN A 124 -22.66 23.28 -19.84
C ASN A 124 -23.62 24.14 -19.03
N SER A 125 -24.80 23.57 -18.75
CA SER A 125 -25.76 24.13 -17.82
C SER A 125 -25.14 24.56 -16.50
N ASP A 126 -25.76 25.53 -15.82
CA ASP A 126 -25.20 26.05 -14.59
C ASP A 126 -25.28 25.05 -13.44
N LYS A 127 -26.11 24.01 -13.58
CA LYS A 127 -26.29 23.05 -12.47
C LYS A 127 -25.34 21.85 -12.60
N TYR A 128 -24.75 21.66 -13.78
CA TYR A 128 -23.82 20.57 -14.02
C TYR A 128 -22.42 20.99 -14.47
N CYS A 129 -22.21 22.28 -14.72
CA CYS A 129 -20.94 22.71 -15.31
C CYS A 129 -19.75 22.63 -14.37
N THR A 130 -18.55 22.68 -14.95
CA THR A 130 -17.31 22.70 -14.19
C THR A 130 -17.18 23.96 -13.33
N PRO A 131 -16.67 23.81 -12.11
CA PRO A 131 -16.34 24.97 -11.25
C PRO A 131 -15.03 25.70 -11.62
N ARG A 132 -14.87 26.95 -11.18
CA ARG A 132 -13.66 27.73 -11.45
C ARG A 132 -12.57 27.33 -10.46
N TYR A 133 -11.32 27.42 -10.86
CA TYR A 133 -10.23 26.96 -10.00
C TYR A 133 -8.83 27.47 -10.36
N SER A 134 -7.92 27.39 -9.40
CA SER A 134 -6.51 27.74 -9.61
C SER A 134 -5.71 26.53 -10.11
N GLU A 135 -5.17 25.75 -9.17
CA GLU A 135 -4.41 24.57 -9.53
C GLU A 135 -5.33 23.36 -9.70
N PHE A 136 -4.80 22.30 -10.32
CA PHE A 136 -5.54 21.05 -10.46
C PHE A 136 -5.93 20.46 -9.12
N GLU A 137 -5.00 20.57 -8.17
CA GLU A 137 -5.22 20.06 -6.82
C GLU A 137 -6.54 20.59 -6.26
N GLU A 138 -6.88 21.83 -6.60
CA GLU A 138 -8.15 22.42 -6.17
C GLU A 138 -9.37 21.72 -6.77
N LEU A 139 -9.32 21.42 -8.07
CA LEU A 139 -10.44 20.75 -8.71
C LEU A 139 -10.62 19.36 -8.13
N GLU A 140 -9.49 18.70 -7.88
CA GLU A 140 -9.48 17.36 -7.34
C GLU A 140 -10.12 17.31 -5.96
N ARG A 141 -9.77 18.23 -5.07
CA ARG A 141 -10.43 18.34 -3.75
C ARG A 141 -11.93 18.49 -3.90
N LYS A 142 -12.36 19.36 -4.80
CA LYS A 142 -13.78 19.61 -5.01
C LYS A 142 -14.46 18.35 -5.53
N TYR A 143 -13.75 17.59 -6.36
CA TYR A 143 -14.28 16.31 -6.84
C TYR A 143 -14.58 15.32 -5.72
N TRP A 144 -13.59 15.08 -4.86
CA TRP A 144 -13.74 14.10 -3.77
C TRP A 144 -14.64 14.63 -2.64
N LYS A 145 -14.90 15.93 -2.62
CA LYS A 145 -15.80 16.48 -1.60
C LYS A 145 -17.25 16.46 -2.09
N ASN A 146 -17.47 16.68 -3.38
CA ASN A 146 -18.85 16.77 -3.88
C ASN A 146 -19.30 15.57 -4.70
N LEU A 147 -18.55 14.49 -4.64
CA LEU A 147 -18.79 13.27 -5.42
C LEU A 147 -20.24 12.81 -5.33
N THR A 148 -20.84 12.94 -4.14
CA THR A 148 -22.14 12.36 -3.84
C THR A 148 -23.32 13.33 -3.92
N PHE A 149 -23.10 14.52 -4.47
CA PHE A 149 -24.16 15.53 -4.63
C PHE A 149 -24.40 15.80 -6.13
N ASN A 150 -25.55 16.37 -6.48
CA ASN A 150 -25.93 16.62 -7.89
C ASN A 150 -25.50 15.54 -8.89
N PRO A 151 -26.09 14.35 -8.80
CA PRO A 151 -25.74 13.21 -9.66
C PRO A 151 -25.76 13.55 -11.14
N PRO A 152 -24.57 13.59 -11.78
CA PRO A 152 -24.39 13.89 -13.20
C PRO A 152 -24.83 12.77 -14.12
N ILE A 153 -24.86 13.06 -15.42
CA ILE A 153 -25.19 12.04 -16.41
C ILE A 153 -23.95 11.71 -17.23
N TYR A 154 -23.74 10.42 -17.48
CA TYR A 154 -22.59 9.99 -18.21
C TYR A 154 -23.10 9.21 -19.40
N GLY A 155 -22.76 9.71 -20.59
CA GLY A 155 -23.17 9.06 -21.84
C GLY A 155 -22.13 8.01 -22.19
N ALA A 156 -22.17 6.88 -21.49
CA ALA A 156 -21.14 5.87 -21.65
C ALA A 156 -21.59 4.76 -22.59
N ASP A 157 -20.62 3.93 -22.99
CA ASP A 157 -20.89 2.74 -23.78
C ASP A 157 -21.71 3.05 -25.02
N VAL A 158 -21.22 3.97 -25.85
CA VAL A 158 -21.93 4.34 -27.07
C VAL A 158 -21.20 3.78 -28.28
N ASN A 159 -21.78 2.74 -28.89
CA ASN A 159 -21.11 2.09 -30.02
C ASN A 159 -20.89 3.08 -31.15
N GLY A 160 -19.66 3.10 -31.69
CA GLY A 160 -19.33 4.04 -32.73
C GLY A 160 -17.89 4.51 -32.68
N THR A 161 -17.47 5.21 -33.75
CA THR A 161 -16.12 5.77 -33.87
C THR A 161 -16.22 7.21 -34.39
N LEU A 162 -15.21 8.02 -34.14
CA LEU A 162 -15.17 9.36 -34.70
C LEU A 162 -13.97 9.53 -35.64
N TYR A 163 -13.20 8.46 -35.80
CA TYR A 163 -12.15 8.41 -36.81
C TYR A 163 -12.75 8.51 -38.22
N GLU A 164 -12.12 9.32 -39.07
CA GLU A 164 -12.39 9.26 -40.51
C GLU A 164 -11.86 7.93 -41.07
N LYS A 165 -12.47 7.44 -42.14
CA LYS A 165 -12.17 6.10 -42.68
C LYS A 165 -10.73 5.91 -43.16
N HIS A 166 -10.07 7.00 -43.55
CA HIS A 166 -8.74 6.96 -44.16
C HIS A 166 -7.58 7.02 -43.15
N VAL A 167 -7.87 7.33 -41.90
CA VAL A 167 -6.82 7.38 -40.88
C VAL A 167 -6.30 5.96 -40.64
N ASP A 168 -5.02 5.74 -40.93
CA ASP A 168 -4.46 4.39 -40.88
C ASP A 168 -3.39 4.21 -39.80
N GLU A 169 -3.15 5.26 -39.01
CA GLU A 169 -2.25 5.16 -37.86
C GLU A 169 -3.02 5.33 -36.56
N TRP A 170 -2.90 4.34 -35.68
CA TRP A 170 -3.56 4.35 -34.38
C TRP A 170 -5.06 4.54 -34.53
N ASN A 171 -5.66 3.78 -35.44
CA ASN A 171 -7.10 3.79 -35.59
C ASN A 171 -7.73 2.80 -34.63
N ILE A 172 -8.41 3.33 -33.61
CA ILE A 172 -8.96 2.53 -32.54
C ILE A 172 -9.98 1.50 -33.08
N GLY A 173 -10.58 1.79 -34.22
CA GLY A 173 -11.48 0.86 -34.86
C GLY A 173 -10.80 -0.41 -35.38
N ARG A 174 -9.62 -0.30 -35.95
CA ARG A 174 -8.93 -1.45 -36.55
C ARG A 174 -7.41 -1.41 -36.31
N LEU A 175 -7.00 -1.73 -35.08
CA LEU A 175 -5.61 -1.67 -34.61
C LEU A 175 -4.69 -2.82 -35.03
N ARG A 176 -5.27 -3.90 -35.51
CA ARG A 176 -4.55 -5.09 -35.94
C ARG A 176 -3.59 -5.65 -34.87
N THR A 177 -4.15 -6.14 -33.76
CA THR A 177 -3.34 -6.80 -32.72
C THR A 177 -3.91 -8.21 -32.62
N ILE A 178 -3.23 -9.11 -31.90
CA ILE A 178 -3.71 -10.48 -31.81
C ILE A 178 -5.07 -10.68 -31.13
N LEU A 179 -5.66 -9.64 -30.53
CA LEU A 179 -7.01 -9.78 -29.99
C LEU A 179 -7.97 -9.99 -31.17
N ASP A 180 -7.53 -9.63 -32.37
CA ASP A 180 -8.30 -9.84 -33.61
C ASP A 180 -8.50 -11.31 -33.90
N LEU A 181 -7.74 -12.16 -33.21
CA LEU A 181 -7.89 -13.60 -33.32
C LEU A 181 -9.18 -14.14 -32.72
N VAL A 182 -9.88 -13.29 -31.97
CA VAL A 182 -11.11 -13.70 -31.29
C VAL A 182 -12.32 -13.71 -32.23
N GLU A 183 -12.37 -12.73 -33.13
CA GLU A 183 -13.47 -12.62 -34.08
C GLU A 183 -13.13 -13.41 -35.35
N LYS A 184 -11.84 -13.55 -35.62
CA LYS A 184 -11.38 -14.24 -36.83
C LYS A 184 -11.65 -15.73 -36.70
N GLU A 185 -11.52 -16.28 -35.49
CA GLU A 185 -11.74 -17.73 -35.32
C GLU A 185 -13.06 -18.12 -34.64
N SER A 186 -13.97 -17.18 -34.41
CA SER A 186 -15.25 -17.55 -33.79
C SER A 186 -16.40 -16.60 -34.15
N GLY A 187 -16.08 -15.50 -34.82
CA GLY A 187 -17.07 -14.50 -35.20
C GLY A 187 -17.65 -13.68 -34.05
N ILE A 188 -17.12 -13.84 -32.84
CA ILE A 188 -17.71 -13.19 -31.69
C ILE A 188 -17.19 -11.78 -31.56
N THR A 189 -18.10 -10.82 -31.62
CA THR A 189 -17.77 -9.43 -31.36
C THR A 189 -18.32 -9.03 -30.00
N ILE A 190 -17.42 -8.73 -29.07
CA ILE A 190 -17.75 -8.23 -27.74
C ILE A 190 -17.67 -6.69 -27.71
N GLU A 191 -18.82 -6.03 -27.58
CA GLU A 191 -18.92 -4.56 -27.64
C GLU A 191 -18.03 -3.84 -26.62
N GLY A 192 -17.20 -2.92 -27.09
CA GLY A 192 -16.34 -2.16 -26.21
C GLY A 192 -15.00 -2.84 -26.03
N VAL A 193 -14.94 -4.13 -26.29
CA VAL A 193 -13.71 -4.89 -26.16
C VAL A 193 -12.98 -5.00 -27.51
N ASN A 194 -13.56 -5.71 -28.49
CA ASN A 194 -12.93 -5.74 -29.82
C ASN A 194 -13.70 -4.86 -30.81
N THR A 195 -14.54 -3.99 -30.26
CA THR A 195 -15.20 -2.93 -31.01
C THR A 195 -15.04 -1.63 -30.21
N PRO A 196 -15.01 -0.46 -30.88
CA PRO A 196 -14.81 0.82 -30.17
C PRO A 196 -16.02 1.28 -29.37
N TYR A 197 -15.77 2.05 -28.33
CA TYR A 197 -16.81 2.73 -27.57
C TYR A 197 -16.54 4.20 -27.46
N LEU A 198 -17.61 4.98 -27.47
CA LEU A 198 -17.53 6.42 -27.33
C LEU A 198 -18.08 6.79 -25.96
N TYR A 199 -17.40 7.69 -25.25
CA TYR A 199 -17.79 8.07 -23.89
C TYR A 199 -18.02 9.56 -23.77
N PHE A 200 -19.27 9.99 -23.65
CA PHE A 200 -19.56 11.41 -23.44
C PHE A 200 -19.71 11.74 -21.96
N GLY A 201 -18.82 12.57 -21.45
CA GLY A 201 -18.83 12.88 -20.03
C GLY A 201 -19.14 14.34 -19.73
N MET A 202 -19.52 14.61 -18.48
CA MET A 202 -19.67 15.97 -17.97
C MET A 202 -18.98 16.00 -16.63
N TRP A 203 -18.93 17.18 -16.01
CA TRP A 203 -18.18 17.39 -14.78
C TRP A 203 -18.59 16.38 -13.75
N LYS A 204 -17.58 15.76 -13.13
CA LYS A 204 -17.76 14.81 -12.04
C LYS A 204 -18.21 13.41 -12.47
N THR A 205 -18.45 13.15 -13.75
CA THR A 205 -18.65 11.75 -14.12
C THR A 205 -17.33 11.03 -13.91
N SER A 206 -17.42 9.79 -13.45
CA SER A 206 -16.23 9.01 -13.13
C SER A 206 -16.31 7.56 -13.61
N PHE A 207 -15.17 6.89 -13.55
CA PHE A 207 -15.09 5.46 -13.74
C PHE A 207 -14.44 4.88 -12.48
N ALA A 208 -15.04 3.83 -11.94
CA ALA A 208 -14.60 3.22 -10.71
C ALA A 208 -13.29 2.47 -10.90
N TRP A 209 -12.73 1.97 -9.80
CA TRP A 209 -11.51 1.17 -9.83
C TRP A 209 -11.67 -0.21 -10.55
N HIS A 210 -10.94 -0.44 -11.63
CA HIS A 210 -11.05 -1.72 -12.32
C HIS A 210 -9.82 -1.97 -13.15
N THR A 211 -9.53 -3.24 -13.41
CA THR A 211 -8.70 -3.63 -14.54
C THR A 211 -9.60 -3.93 -15.71
N GLU A 212 -9.01 -4.12 -16.89
CA GLU A 212 -9.83 -4.34 -18.07
C GLU A 212 -10.36 -5.76 -18.06
N ASP A 213 -11.44 -5.99 -18.82
CA ASP A 213 -12.01 -7.33 -18.95
C ASP A 213 -10.96 -8.28 -19.48
N MET A 214 -10.89 -9.48 -18.90
CA MET A 214 -9.87 -10.47 -19.23
C MET A 214 -8.47 -9.92 -18.98
N ASP A 215 -8.38 -8.88 -18.15
CA ASP A 215 -7.11 -8.24 -17.78
C ASP A 215 -6.28 -7.90 -18.99
N LEU A 216 -6.98 -7.31 -19.98
CA LEU A 216 -6.43 -6.89 -21.28
C LEU A 216 -5.80 -5.50 -21.22
N TYR A 217 -5.22 -5.06 -22.34
CA TYR A 217 -4.85 -3.65 -22.48
C TYR A 217 -6.05 -2.85 -22.91
N SER A 218 -6.01 -1.55 -22.62
CA SER A 218 -7.00 -0.65 -23.20
C SER A 218 -6.28 0.54 -23.82
N ILE A 219 -6.95 1.17 -24.78
CA ILE A 219 -6.45 2.40 -25.37
C ILE A 219 -7.61 3.40 -25.29
N ASN A 220 -7.30 4.67 -25.04
CA ASN A 220 -8.33 5.69 -24.80
C ASN A 220 -7.87 7.01 -25.41
N TYR A 221 -8.63 7.52 -26.38
CA TYR A 221 -8.28 8.77 -27.03
C TYR A 221 -9.31 9.84 -26.71
N LEU A 222 -8.86 11.03 -26.31
CA LEU A 222 -9.79 12.09 -25.90
C LEU A 222 -10.01 13.04 -27.07
N HIS A 223 -11.07 12.81 -27.83
CA HIS A 223 -11.31 13.55 -29.07
C HIS A 223 -11.33 15.05 -28.87
N PHE A 224 -12.08 15.53 -27.88
CA PHE A 224 -12.19 16.95 -27.65
C PHE A 224 -12.67 17.29 -26.24
N GLY A 225 -12.72 18.58 -25.92
CA GLY A 225 -13.32 19.00 -24.67
C GLY A 225 -12.37 19.00 -23.49
N GLU A 226 -12.96 19.00 -22.30
CA GLU A 226 -12.20 19.14 -21.06
C GLU A 226 -11.41 17.92 -20.66
N PRO A 227 -10.42 18.10 -19.78
CA PRO A 227 -9.56 16.97 -19.47
C PRO A 227 -10.28 15.82 -18.78
N LYS A 228 -9.56 14.70 -18.71
CA LYS A 228 -9.96 13.50 -18.03
C LYS A 228 -8.79 13.19 -17.12
N SER A 229 -9.00 13.06 -15.82
CA SER A 229 -7.90 12.75 -14.90
C SER A 229 -7.97 11.29 -14.52
N TRP A 230 -6.80 10.68 -14.33
CA TRP A 230 -6.64 9.26 -14.09
C TRP A 230 -5.85 9.00 -12.84
N TYR A 231 -6.21 7.94 -12.10
CA TYR A 231 -5.35 7.35 -11.07
C TYR A 231 -5.03 5.92 -11.49
N SER A 232 -3.89 5.42 -11.03
CA SER A 232 -3.37 4.12 -11.46
CA SER A 232 -3.40 4.11 -11.46
C SER A 232 -2.58 3.42 -10.36
N VAL A 233 -2.73 2.10 -10.25
CA VAL A 233 -1.90 1.30 -9.37
C VAL A 233 -1.05 0.33 -10.22
N PRO A 234 0.28 0.33 -9.99
CA PRO A 234 1.16 -0.56 -10.78
C PRO A 234 0.70 -2.01 -10.68
N PRO A 235 0.75 -2.74 -11.80
CA PRO A 235 0.37 -4.15 -11.81
C PRO A 235 1.04 -4.94 -10.69
N GLU A 236 2.29 -4.61 -10.34
CA GLU A 236 2.95 -5.43 -9.34
C GLU A 236 2.38 -5.21 -7.92
N HIS A 237 1.52 -4.19 -7.75
CA HIS A 237 0.85 -4.02 -6.45
C HIS A 237 -0.68 -4.17 -6.50
N GLY A 238 -1.21 -4.58 -7.64
CA GLY A 238 -2.65 -4.72 -7.76
C GLY A 238 -3.25 -5.60 -6.69
N LYS A 239 -2.55 -6.69 -6.32
CA LYS A 239 -3.06 -7.58 -5.27
C LYS A 239 -3.22 -6.88 -3.93
N ARG A 240 -2.39 -5.88 -3.64
CA ARG A 240 -2.53 -5.18 -2.37
C ARG A 240 -3.81 -4.38 -2.34
N LEU A 241 -4.16 -3.75 -3.47
CA LEU A 241 -5.40 -3.00 -3.62
C LEU A 241 -6.63 -3.91 -3.44
N GLU A 242 -6.52 -5.16 -3.89
CA GLU A 242 -7.64 -6.12 -3.77
C GLU A 242 -7.83 -6.56 -2.34
N ARG A 243 -6.73 -6.79 -1.64
N ARG A 243 -6.73 -6.77 -1.63
CA ARG A 243 -6.82 -7.19 -0.23
CA ARG A 243 -6.80 -7.16 -0.22
C ARG A 243 -7.44 -6.06 0.61
C ARG A 243 -7.49 -6.05 0.57
N LEU A 244 -7.15 -4.82 0.23
CA LEU A 244 -7.70 -3.65 0.89
C LEU A 244 -9.20 -3.53 0.57
N ALA A 245 -9.52 -3.71 -0.71
CA ALA A 245 -10.90 -3.63 -1.13
C ALA A 245 -11.78 -4.71 -0.47
N LYS A 246 -11.25 -5.92 -0.26
CA LYS A 246 -12.05 -6.97 0.39
C LYS A 246 -12.23 -6.79 1.88
N GLY A 247 -11.37 -5.97 2.48
CA GLY A 247 -11.53 -5.61 3.88
C GLY A 247 -12.57 -4.52 4.03
N PHE A 248 -12.62 -3.60 3.08
CA PHE A 248 -13.58 -2.52 3.18
C PHE A 248 -14.99 -2.93 2.77
N PHE A 249 -15.10 -3.88 1.85
CA PHE A 249 -16.40 -4.35 1.39
C PHE A 249 -16.58 -5.86 1.55
N PRO A 250 -16.64 -6.35 2.81
CA PRO A 250 -16.68 -7.79 3.12
C PRO A 250 -17.92 -8.55 2.63
N GLY A 251 -19.08 -7.89 2.59
CA GLY A 251 -20.25 -8.54 2.06
C GLY A 251 -20.12 -8.76 0.57
N SER A 252 -19.60 -7.74 -0.13
CA SER A 252 -19.35 -7.83 -1.56
C SER A 252 -18.26 -8.84 -1.91
N ALA A 253 -17.22 -8.88 -1.08
CA ALA A 253 -16.13 -9.84 -1.28
C ALA A 253 -16.67 -11.25 -1.19
N GLN A 254 -17.49 -11.49 -0.18
CA GLN A 254 -18.09 -12.79 0.08
C GLN A 254 -19.03 -13.27 -1.03
N SER A 255 -19.62 -12.34 -1.79
CA SER A 255 -20.70 -12.69 -2.71
C SER A 255 -20.22 -12.77 -4.16
N CYS A 256 -18.95 -12.50 -4.36
CA CYS A 256 -18.36 -12.55 -5.67
C CYS A 256 -16.85 -12.66 -5.53
N GLU A 257 -16.26 -13.56 -6.32
CA GLU A 257 -14.83 -13.83 -6.29
C GLU A 257 -14.02 -12.63 -6.78
N ALA A 258 -14.66 -11.75 -7.54
CA ALA A 258 -13.98 -10.56 -8.02
C ALA A 258 -14.90 -9.34 -8.07
N PHE A 259 -15.36 -8.85 -6.91
CA PHE A 259 -16.43 -7.84 -6.94
C PHE A 259 -16.03 -6.52 -7.60
N LEU A 260 -14.72 -6.27 -7.70
CA LEU A 260 -14.25 -5.04 -8.36
C LEU A 260 -14.54 -4.99 -9.87
N ARG A 261 -14.68 -6.16 -10.53
CA ARG A 261 -15.11 -6.18 -11.94
C ARG A 261 -16.50 -5.55 -12.15
N HIS A 262 -17.27 -5.33 -11.09
CA HIS A 262 -18.55 -4.65 -11.24
C HIS A 262 -18.37 -3.17 -11.54
N LYS A 263 -17.15 -2.65 -11.34
CA LYS A 263 -16.81 -1.28 -11.69
C LYS A 263 -17.72 -0.27 -10.97
N MET A 264 -18.06 -0.61 -9.73
CA MET A 264 -18.90 0.21 -8.84
C MET A 264 -18.13 0.83 -7.65
N THR A 265 -16.83 0.54 -7.53
CA THR A 265 -16.13 0.95 -6.30
C THR A 265 -15.20 2.14 -6.49
N LEU A 266 -15.43 3.21 -5.73
CA LEU A 266 -14.53 4.34 -5.79
C LEU A 266 -13.78 4.45 -4.44
N ILE A 267 -12.48 4.71 -4.51
CA ILE A 267 -11.62 4.76 -3.32
C ILE A 267 -10.70 5.95 -3.51
N SER A 268 -10.78 6.95 -2.62
CA SER A 268 -10.03 8.19 -2.81
C SER A 268 -8.51 8.00 -2.71
N PRO A 269 -7.74 8.88 -3.34
CA PRO A 269 -6.29 8.77 -3.22
C PRO A 269 -5.79 8.94 -1.78
N LEU A 270 -6.52 9.67 -0.92
CA LEU A 270 -6.08 9.80 0.49
C LEU A 270 -6.19 8.45 1.20
N MET A 271 -7.27 7.73 0.91
CA MET A 271 -7.50 6.41 1.50
C MET A 271 -6.40 5.43 1.10
N LEU A 272 -5.98 5.51 -0.15
CA LEU A 272 -4.92 4.65 -0.67
C LEU A 272 -3.63 5.01 0.07
N LYS A 273 -3.39 6.31 0.20
CA LYS A 273 -2.21 6.85 0.88
C LYS A 273 -2.18 6.37 2.32
N LYS A 274 -3.34 6.45 2.98
CA LYS A 274 -3.47 6.10 4.39
C LYS A 274 -3.16 4.63 4.62
N TYR A 275 -3.47 3.77 3.65
CA TYR A 275 -3.18 2.34 3.80
C TYR A 275 -1.98 1.87 3.00
N GLY A 276 -1.19 2.82 2.53
CA GLY A 276 0.09 2.54 1.92
C GLY A 276 0.10 1.74 0.62
N ILE A 277 -0.87 2.03 -0.26
N ILE A 277 -0.84 1.99 -0.27
CA ILE A 277 -0.88 1.50 -1.63
CA ILE A 277 -0.75 1.33 -1.56
C ILE A 277 -0.25 2.46 -2.62
C ILE A 277 -0.27 2.36 -2.59
N PRO A 278 0.79 2.01 -3.32
CA PRO A 278 1.39 2.94 -4.30
C PRO A 278 0.43 3.25 -5.43
N PHE A 279 0.38 4.50 -5.88
CA PHE A 279 -0.44 4.91 -7.01
C PHE A 279 0.20 6.12 -7.62
N ASP A 280 -0.25 6.47 -8.81
CA ASP A 280 0.19 7.66 -9.50
C ASP A 280 -1.02 8.31 -10.15
N LYS A 281 -0.94 9.57 -10.52
CA LYS A 281 -2.06 10.21 -11.20
C LYS A 281 -1.57 10.98 -12.40
N VAL A 282 -2.48 11.21 -13.34
CA VAL A 282 -2.13 11.89 -14.57
C VAL A 282 -3.39 12.55 -15.07
N THR A 283 -3.23 13.66 -15.78
CA THR A 283 -4.35 14.29 -16.44
C THR A 283 -4.16 14.17 -17.95
N GLN A 284 -5.21 13.72 -18.63
CA GLN A 284 -5.20 13.50 -20.07
C GLN A 284 -5.95 14.65 -20.73
N GLU A 285 -5.31 15.42 -21.61
CA GLU A 285 -6.03 16.50 -22.27
C GLU A 285 -6.39 16.11 -23.68
N ALA A 286 -7.32 16.86 -24.28
CA ALA A 286 -7.85 16.50 -25.60
C ALA A 286 -6.72 16.32 -26.62
N GLY A 287 -6.77 15.22 -27.37
CA GLY A 287 -5.77 14.98 -28.40
C GLY A 287 -4.64 14.08 -27.94
N GLU A 288 -4.78 13.53 -26.74
CA GLU A 288 -3.78 12.63 -26.20
C GLU A 288 -4.40 11.24 -25.94
N PHE A 289 -3.53 10.21 -26.00
CA PHE A 289 -3.88 8.82 -25.75
C PHE A 289 -3.52 8.38 -24.33
N MET A 290 -4.38 7.57 -23.71
CA MET A 290 -3.94 6.76 -22.57
C MET A 290 -3.95 5.29 -22.96
N ILE A 291 -2.93 4.58 -22.51
CA ILE A 291 -2.77 3.16 -22.70
C ILE A 291 -2.75 2.49 -21.35
N THR A 292 -3.68 1.58 -21.09
CA THR A 292 -3.59 0.84 -19.82
C THR A 292 -3.10 -0.56 -20.12
N PHE A 293 -2.40 -1.13 -19.13
CA PHE A 293 -1.70 -2.41 -19.25
C PHE A 293 -2.38 -3.49 -18.43
N PRO A 294 -2.12 -4.78 -18.73
CA PRO A 294 -2.74 -5.91 -18.05
C PRO A 294 -2.64 -5.87 -16.54
N TYR A 295 -3.77 -6.05 -15.89
CA TYR A 295 -3.84 -6.01 -14.42
C TYR A 295 -3.47 -4.63 -13.83
N GLY A 296 -3.47 -3.58 -14.65
CA GLY A 296 -3.31 -2.24 -14.13
C GLY A 296 -4.61 -1.59 -13.67
N TYR A 297 -4.88 -1.66 -12.37
CA TYR A 297 -6.05 -1.00 -11.78
C TYR A 297 -6.02 0.52 -12.03
N HIS A 298 -7.16 1.07 -12.48
CA HIS A 298 -7.28 2.50 -12.71
C HIS A 298 -8.69 3.06 -12.45
N ALA A 299 -8.75 4.38 -12.30
CA ALA A 299 -9.99 5.11 -12.02
C ALA A 299 -9.77 6.57 -12.37
N GLY A 300 -10.83 7.35 -12.38
CA GLY A 300 -10.66 8.76 -12.63
C GLY A 300 -11.98 9.47 -12.84
N PHE A 301 -11.91 10.74 -13.23
CA PHE A 301 -13.10 11.53 -13.52
C PHE A 301 -12.89 12.48 -14.67
N ASN A 302 -13.99 12.90 -15.28
CA ASN A 302 -13.95 13.92 -16.30
C ASN A 302 -14.05 15.33 -15.70
N HIS A 303 -13.30 16.29 -16.28
CA HIS A 303 -13.33 17.67 -15.79
C HIS A 303 -14.55 18.43 -16.27
N GLY A 304 -15.06 18.06 -17.43
CA GLY A 304 -16.22 18.76 -17.96
C GLY A 304 -16.66 18.06 -19.21
N PHE A 305 -17.46 18.75 -20.02
CA PHE A 305 -17.96 18.13 -21.22
C PHE A 305 -16.81 17.73 -22.11
N ASN A 306 -16.82 16.46 -22.49
CA ASN A 306 -15.80 15.95 -23.39
C ASN A 306 -16.29 14.70 -24.06
N CYS A 307 -15.42 14.13 -24.87
CA CYS A 307 -15.76 12.91 -25.57
C CYS A 307 -14.56 12.07 -25.86
N ALA A 308 -14.63 10.79 -25.48
CA ALA A 308 -13.49 9.90 -25.61
C ALA A 308 -13.87 8.59 -26.29
N GLU A 309 -12.93 8.05 -27.05
CA GLU A 309 -13.12 6.74 -27.66
C GLU A 309 -12.15 5.74 -27.04
N SER A 310 -12.62 4.51 -26.87
CA SER A 310 -11.88 3.47 -26.15
C SER A 310 -12.13 2.06 -26.70
N THR A 311 -11.11 1.22 -26.69
CA THR A 311 -11.26 -0.21 -26.97
C THR A 311 -10.19 -1.00 -26.20
N ASN A 312 -10.36 -2.31 -26.08
CA ASN A 312 -9.28 -3.17 -25.57
C ASN A 312 -8.39 -3.68 -26.72
N PHE A 313 -7.21 -4.23 -26.36
CA PHE A 313 -6.31 -4.88 -27.30
C PHE A 313 -5.37 -5.78 -26.51
N ALA A 314 -4.50 -6.49 -27.22
CA ALA A 314 -3.73 -7.53 -26.55
C ALA A 314 -2.34 -7.61 -27.15
N THR A 315 -1.42 -8.25 -26.45
CA THR A 315 -0.09 -8.63 -27.01
C THR A 315 0.24 -10.04 -26.53
N ARG A 316 1.38 -10.58 -26.93
CA ARG A 316 1.70 -11.97 -26.55
C ARG A 316 1.83 -12.07 -25.04
N ARG A 317 2.37 -11.01 -24.43
CA ARG A 317 2.47 -10.92 -22.96
C ARG A 317 1.11 -11.01 -22.28
N TRP A 318 0.06 -10.47 -22.90
CA TRP A 318 -1.26 -10.54 -22.27
C TRP A 318 -1.72 -11.95 -21.96
N ILE A 319 -1.37 -12.89 -22.84
CA ILE A 319 -1.96 -14.23 -22.80
C ILE A 319 -1.95 -14.90 -21.42
N GLU A 320 -0.82 -14.86 -20.73
CA GLU A 320 -0.73 -15.51 -19.43
C GLU A 320 -1.64 -14.81 -18.41
N TYR A 321 -1.78 -13.51 -18.55
CA TYR A 321 -2.73 -12.79 -17.74
C TYR A 321 -4.12 -13.33 -18.09
N GLY A 322 -4.34 -13.54 -19.39
CA GLY A 322 -5.64 -14.01 -19.87
C GLY A 322 -6.03 -15.29 -19.18
N LYS A 323 -5.05 -16.19 -19.05
CA LYS A 323 -5.25 -17.51 -18.47
C LYS A 323 -5.52 -17.51 -16.96
N GLN A 324 -5.00 -16.52 -16.26
CA GLN A 324 -5.09 -16.53 -14.81
C GLN A 324 -6.08 -15.53 -14.25
N ALA A 325 -6.62 -14.69 -15.12
CA ALA A 325 -7.53 -13.63 -14.66
C ALA A 325 -8.69 -14.25 -13.87
N VAL A 326 -8.99 -13.65 -12.73
CA VAL A 326 -10.14 -14.06 -11.93
C VAL A 326 -11.34 -13.23 -12.40
N LEU A 327 -12.43 -13.90 -12.76
CA LEU A 327 -13.60 -13.21 -13.30
C LEU A 327 -14.77 -13.17 -12.33
N CYS A 328 -15.71 -12.28 -12.63
CA CYS A 328 -16.93 -12.16 -11.83
C CYS A 328 -17.65 -13.50 -11.76
N SER A 329 -18.08 -13.86 -10.55
CA SER A 329 -18.66 -15.18 -10.31
C SER A 329 -20.18 -15.16 -10.02
N CYS A 330 -20.81 -13.99 -10.08
CA CYS A 330 -22.16 -13.89 -9.52
C CYS A 330 -23.22 -13.38 -10.50
N ARG A 331 -22.82 -13.06 -11.73
CA ARG A 331 -23.79 -12.64 -12.72
C ARG A 331 -23.43 -13.16 -14.11
N LYS A 332 -24.44 -13.24 -14.97
CA LYS A 332 -24.25 -13.66 -16.35
C LYS A 332 -23.91 -12.40 -17.18
N ASP A 333 -23.84 -12.57 -18.50
CA ASP A 333 -23.43 -11.50 -19.42
C ASP A 333 -22.18 -10.74 -18.93
N MET A 334 -21.21 -11.50 -18.44
CA MET A 334 -19.94 -10.94 -18.04
C MET A 334 -18.95 -11.29 -19.13
N VAL A 335 -18.07 -10.35 -19.47
CA VAL A 335 -17.11 -10.59 -20.55
C VAL A 335 -16.18 -11.71 -20.13
N LYS A 336 -16.33 -12.86 -20.79
CA LYS A 336 -15.46 -14.03 -20.64
C LYS A 336 -14.95 -14.43 -22.01
N ILE A 337 -13.66 -14.69 -22.11
CA ILE A 337 -13.05 -15.04 -23.39
C ILE A 337 -12.36 -16.39 -23.26
N SER A 338 -12.61 -17.27 -24.21
CA SER A 338 -11.98 -18.58 -24.27
C SER A 338 -10.51 -18.42 -24.63
N MET A 339 -9.63 -18.87 -23.76
CA MET A 339 -8.19 -18.73 -24.03
C MET A 339 -7.64 -19.87 -24.91
N ASP A 340 -8.46 -20.88 -25.18
CA ASP A 340 -7.98 -22.10 -25.88
C ASP A 340 -7.22 -21.77 -27.17
N VAL A 341 -7.85 -21.01 -28.06
CA VAL A 341 -7.22 -20.58 -29.31
C VAL A 341 -5.86 -19.89 -29.12
N PHE A 342 -5.74 -19.05 -28.10
CA PHE A 342 -4.51 -18.30 -27.88
C PHE A 342 -3.38 -19.20 -27.42
N VAL A 343 -3.69 -20.13 -26.52
CA VAL A 343 -2.69 -21.04 -25.98
C VAL A 343 -2.22 -22.04 -27.04
N ARG A 344 -3.17 -22.48 -27.87
CA ARG A 344 -2.82 -23.44 -28.91
C ARG A 344 -1.84 -22.78 -29.87
N LYS A 345 -2.09 -21.52 -30.23
CA LYS A 345 -1.28 -20.84 -31.25
C LYS A 345 0.06 -20.25 -30.78
N PHE A 346 0.12 -19.69 -29.57
CA PHE A 346 1.33 -18.99 -29.14
C PHE A 346 2.15 -19.71 -28.04
N GLN A 347 1.52 -20.67 -27.36
CA GLN A 347 2.23 -21.48 -26.36
C GLN A 347 1.92 -22.98 -26.49
N PRO A 348 2.13 -23.57 -27.69
CA PRO A 348 1.69 -24.95 -27.92
C PRO A 348 2.35 -26.00 -27.02
N GLU A 349 3.55 -25.71 -26.52
CA GLU A 349 4.24 -26.68 -25.67
C GLU A 349 3.54 -26.86 -24.31
N ARG A 350 2.78 -25.86 -23.87
CA ARG A 350 2.13 -25.95 -22.57
C ARG A 350 0.63 -26.24 -22.69
N TYR A 351 0.13 -26.32 -23.91
CA TYR A 351 -1.30 -26.56 -24.12
C TYR A 351 -1.81 -27.76 -23.33
N LYS A 352 -1.10 -28.88 -23.38
CA LYS A 352 -1.55 -30.10 -22.69
C LYS A 352 -1.47 -29.98 -21.17
N LEU A 353 -0.43 -29.32 -20.67
CA LEU A 353 -0.35 -29.10 -19.23
C LEU A 353 -1.48 -28.20 -18.77
N TRP A 354 -1.75 -27.17 -19.53
CA TRP A 354 -2.75 -26.18 -19.19
C TRP A 354 -4.15 -26.79 -19.20
N LYS A 355 -4.48 -27.47 -20.30
CA LYS A 355 -5.81 -28.06 -20.47
C LYS A 355 -6.06 -29.12 -19.40
N ALA A 356 -4.96 -29.67 -18.87
CA ALA A 356 -5.05 -30.65 -17.77
C ALA A 356 -4.92 -29.98 -16.39
N GLY A 357 -4.84 -28.65 -16.36
CA GLY A 357 -4.75 -27.91 -15.11
C GLY A 357 -3.49 -28.12 -14.29
N LYS A 358 -2.34 -28.29 -14.96
CA LYS A 358 -1.07 -28.45 -14.25
C LYS A 358 -0.03 -27.39 -14.66
N ASP A 359 -0.46 -26.37 -15.41
CA ASP A 359 0.43 -25.27 -15.79
C ASP A 359 0.47 -24.25 -14.67
N ASN A 360 1.45 -24.42 -13.78
CA ASN A 360 1.55 -23.57 -12.60
C ASN A 360 2.54 -22.44 -12.80
N THR A 361 2.56 -21.91 -14.02
CA THR A 361 3.39 -20.75 -14.35
C THR A 361 3.10 -19.57 -13.42
N VAL A 362 4.11 -18.74 -13.19
CA VAL A 362 3.94 -17.57 -12.35
C VAL A 362 4.36 -16.31 -13.12
N ILE A 363 3.45 -15.34 -13.13
CA ILE A 363 3.66 -14.11 -13.89
C ILE A 363 4.61 -13.15 -13.18
N ASP A 364 5.53 -12.55 -13.93
CA ASP A 364 6.39 -11.47 -13.44
C ASP A 364 5.96 -10.16 -14.11
N HIS A 365 5.41 -9.25 -13.33
CA HIS A 365 4.78 -8.07 -13.90
C HIS A 365 5.76 -7.08 -14.54
N THR A 366 7.06 -7.24 -14.28
CA THR A 366 8.06 -6.30 -14.83
C THR A 366 8.58 -6.69 -16.22
N LEU A 367 8.47 -7.96 -16.60
CA LEU A 367 8.96 -8.39 -17.92
C LEU A 367 8.18 -7.74 -19.08
N PRO A 368 8.88 -7.14 -20.06
CA PRO A 368 8.23 -6.60 -21.26
C PRO A 368 7.80 -7.71 -22.25
N THR A 369 6.88 -7.38 -23.15
CA THR A 369 6.36 -8.34 -24.13
C THR A 369 7.48 -8.75 -25.09
N PRO A 370 7.51 -10.04 -25.49
CA PRO A 370 8.56 -10.58 -26.36
C PRO A 370 8.77 -9.83 -27.68
N GLU A 371 7.74 -9.14 -28.19
CA GLU A 371 7.82 -8.41 -29.46
C GLU A 371 8.79 -7.21 -29.41
N ALA A 372 9.40 -7.02 -28.24
CA ALA A 372 10.35 -5.96 -28.01
C ALA A 372 11.77 -6.52 -28.11
N ALA A 373 11.93 -7.59 -28.87
CA ALA A 373 13.23 -8.19 -29.14
C ALA A 373 14.00 -7.32 -30.13
N GLU A 374 13.28 -6.41 -30.78
CA GLU A 374 13.88 -5.45 -31.70
C GLU A 374 14.66 -4.40 -30.91
N PHE A 375 14.30 -4.22 -29.64
CA PHE A 375 14.84 -3.14 -28.81
C PHE A 375 15.74 -3.67 -27.69
N LEU B 30 -8.79 -9.47 9.50
CA LEU B 30 -10.06 -9.10 8.86
C LEU B 30 -10.17 -7.58 8.64
N ASN B 31 -10.24 -6.87 9.75
CA ASN B 31 -10.74 -5.49 9.83
C ASN B 31 -9.70 -4.41 9.48
N PRO B 32 -10.01 -3.57 8.46
CA PRO B 32 -9.16 -2.46 7.97
C PRO B 32 -9.01 -1.37 9.03
N SER B 33 -9.93 -1.41 10.00
CA SER B 33 -9.87 -0.50 11.14
C SER B 33 -8.79 -1.03 12.09
N ALA B 34 -8.24 -2.20 11.77
CA ALA B 34 -7.07 -2.73 12.49
C ALA B 34 -5.97 -3.13 11.51
N ARG B 35 -5.89 -2.42 10.37
CA ARG B 35 -4.81 -2.58 9.38
C ARG B 35 -3.80 -1.46 9.61
N ILE B 36 -2.54 -1.68 9.25
CA ILE B 36 -1.52 -0.68 9.50
C ILE B 36 -1.66 0.55 8.63
N MET B 37 -1.89 1.69 9.25
CA MET B 37 -2.03 2.97 8.54
C MET B 37 -0.72 3.73 8.42
N THR B 38 -0.64 4.60 7.42
CA THR B 38 0.52 5.43 7.14
C THR B 38 0.05 6.89 7.16
N PHE B 39 0.82 7.79 7.76
CA PHE B 39 0.41 9.21 7.89
C PHE B 39 1.47 10.15 7.35
N TYR B 40 1.05 11.28 6.81
CA TYR B 40 1.99 12.23 6.21
C TYR B 40 1.84 13.63 6.80
N PRO B 41 2.34 13.86 8.02
CA PRO B 41 2.13 15.20 8.61
C PRO B 41 2.86 16.31 7.85
N THR B 42 2.23 17.48 7.81
CA THR B 42 2.88 18.71 7.33
C THR B 42 3.83 19.25 8.39
N MET B 43 4.57 20.30 8.04
CA MET B 43 5.54 20.88 8.98
C MET B 43 4.90 21.40 10.26
N GLU B 44 3.69 21.97 10.16
CA GLU B 44 3.05 22.52 11.34
C GLU B 44 2.55 21.41 12.29
N GLU B 45 2.14 20.27 11.72
CA GLU B 45 1.63 19.17 12.53
C GLU B 45 2.76 18.41 13.18
N PHE B 46 3.91 18.41 12.52
CA PHE B 46 5.06 17.66 12.98
C PHE B 46 5.67 18.29 14.24
N ARG B 47 5.45 19.59 14.43
CA ARG B 47 6.13 20.33 15.48
C ARG B 47 5.77 19.78 16.86
N ASN B 48 4.49 19.62 17.14
CA ASN B 48 4.10 19.05 18.43
C ASN B 48 3.93 17.53 18.34
N PHE B 49 4.81 16.80 19.05
CA PHE B 49 4.86 15.34 18.98
C PHE B 49 3.67 14.67 19.65
N SER B 50 3.42 15.04 20.90
CA SER B 50 2.37 14.38 21.65
C SER B 50 1.02 14.58 20.97
N ARG B 51 0.85 15.74 20.33
CA ARG B 51 -0.40 16.09 19.68
C ARG B 51 -0.65 15.26 18.40
N TYR B 52 0.41 14.91 17.68
CA TYR B 52 0.19 14.10 16.49
C TYR B 52 -0.17 12.67 16.88
N ILE B 53 0.49 12.16 17.92
CA ILE B 53 0.19 10.82 18.41
C ILE B 53 -1.28 10.73 18.82
N ALA B 54 -1.79 11.79 19.45
CA ALA B 54 -3.20 11.86 19.82
C ALA B 54 -4.10 11.89 18.58
N TYR B 55 -3.69 12.64 17.55
CA TYR B 55 -4.39 12.68 16.27
C TYR B 55 -4.50 11.32 15.54
N ILE B 56 -3.40 10.61 15.40
CA ILE B 56 -3.48 9.31 14.71
C ILE B 56 -4.25 8.28 15.53
N GLU B 57 -4.36 8.47 16.84
CA GLU B 57 -5.17 7.54 17.62
C GLU B 57 -6.67 7.77 17.46
N SER B 58 -7.05 8.99 17.09
CA SER B 58 -8.44 9.28 16.76
C SER B 58 -8.74 8.75 15.36
N GLN B 59 -7.70 8.52 14.57
CA GLN B 59 -7.84 7.90 13.26
C GLN B 59 -7.80 6.35 13.33
N GLY B 60 -7.70 5.81 14.55
CA GLY B 60 -7.65 4.38 14.79
C GLY B 60 -6.32 3.66 14.56
N ALA B 61 -5.27 4.43 14.34
CA ALA B 61 -3.93 3.88 14.16
C ALA B 61 -3.53 2.90 15.26
N HIS B 62 -4.03 3.09 16.46
CA HIS B 62 -3.61 2.26 17.60
C HIS B 62 -4.20 0.85 17.55
N ARG B 63 -5.25 0.67 16.76
CA ARG B 63 -5.93 -0.62 16.73
C ARG B 63 -5.13 -1.71 16.00
N ALA B 64 -4.25 -1.29 15.09
CA ALA B 64 -3.42 -2.24 14.36
C ALA B 64 -2.21 -2.60 15.20
N GLY B 65 -1.93 -1.78 16.22
CA GLY B 65 -0.81 -2.01 17.12
C GLY B 65 0.48 -1.35 16.63
N LEU B 66 0.42 -0.87 15.39
CA LEU B 66 1.57 -0.35 14.69
C LEU B 66 1.14 0.61 13.59
N ALA B 67 1.85 1.72 13.47
CA ALA B 67 1.57 2.74 12.48
C ALA B 67 2.85 3.32 11.91
N LYS B 68 2.80 3.79 10.67
CA LYS B 68 3.97 4.47 10.08
C LYS B 68 3.74 5.96 9.89
N VAL B 69 4.79 6.74 10.11
CA VAL B 69 4.77 8.18 9.94
C VAL B 69 5.93 8.68 9.07
N VAL B 70 5.57 9.37 8.00
CA VAL B 70 6.54 9.92 7.06
C VAL B 70 6.66 11.42 7.30
N PRO B 71 7.85 11.84 7.71
CA PRO B 71 8.10 13.25 8.04
C PRO B 71 8.14 14.13 6.78
N PRO B 72 7.92 15.45 6.96
CA PRO B 72 7.95 16.39 5.82
C PRO B 72 9.28 16.35 5.08
N LYS B 73 9.28 16.73 3.80
CA LYS B 73 10.53 16.73 3.03
C LYS B 73 11.48 17.79 3.59
N GLU B 74 10.92 18.78 4.28
CA GLU B 74 11.70 19.86 4.89
C GLU B 74 12.48 19.46 6.15
N TRP B 75 12.31 18.21 6.59
CA TRP B 75 12.90 17.78 7.86
C TRP B 75 14.06 16.81 7.66
N LYS B 76 15.09 16.96 8.49
CA LYS B 76 16.27 16.09 8.48
C LYS B 76 16.87 16.15 9.88
N PRO B 77 17.15 14.98 10.46
CA PRO B 77 17.57 14.88 11.86
C PRO B 77 19.08 15.11 12.07
N ARG B 78 19.85 15.01 10.99
CA ARG B 78 21.30 15.08 11.03
C ARG B 78 21.86 15.42 9.66
N ALA B 79 22.96 16.19 9.64
CA ALA B 79 23.61 16.63 8.41
C ALA B 79 23.96 15.49 7.46
N SER B 80 24.93 14.65 7.85
CA SER B 80 25.24 13.44 7.07
C SER B 80 25.70 12.32 7.99
N TYR B 81 25.52 11.09 7.55
CA TYR B 81 25.96 9.95 8.34
C TYR B 81 27.30 9.46 7.84
N ASP B 82 28.31 10.31 8.04
CA ASP B 82 29.63 10.02 7.54
C ASP B 82 30.63 10.06 8.68
N ASP B 83 30.36 10.93 9.66
CA ASP B 83 31.22 11.07 10.83
C ASP B 83 31.27 9.80 11.67
N ILE B 84 30.17 9.07 11.63
CA ILE B 84 29.88 8.02 12.61
C ILE B 84 30.73 6.77 12.42
N ASP B 85 31.46 6.69 11.32
CA ASP B 85 32.21 5.48 10.99
C ASP B 85 33.15 5.00 12.12
N ASP B 86 33.52 5.90 13.04
CA ASP B 86 34.40 5.58 14.16
C ASP B 86 33.63 5.18 15.43
N LEU B 87 32.29 5.23 15.37
CA LEU B 87 31.44 4.92 16.50
C LEU B 87 31.54 3.44 16.89
N VAL B 88 31.54 3.17 18.20
CA VAL B 88 31.69 1.80 18.72
C VAL B 88 30.39 1.14 19.17
N ILE B 89 30.24 -0.12 18.77
CA ILE B 89 29.20 -1.05 19.21
C ILE B 89 29.72 -1.95 20.32
N PRO B 90 29.36 -1.66 21.58
CA PRO B 90 30.01 -2.36 22.69
C PRO B 90 29.74 -3.86 22.71
N ALA B 91 28.51 -4.29 22.39
CA ALA B 91 28.19 -5.70 22.59
C ALA B 91 27.45 -6.34 21.41
N PRO B 92 28.19 -6.61 20.33
CA PRO B 92 27.58 -7.27 19.18
C PRO B 92 26.94 -8.58 19.59
N ILE B 93 25.83 -8.93 18.94
CA ILE B 93 25.04 -10.11 19.26
C ILE B 93 25.00 -11.05 18.06
N GLN B 94 25.48 -12.28 18.20
CA GLN B 94 25.30 -13.22 17.12
C GLN B 94 23.99 -13.99 17.33
N GLN B 95 23.05 -13.82 16.40
CA GLN B 95 21.72 -14.43 16.49
C GLN B 95 21.69 -15.85 15.91
N LEU B 96 21.71 -16.86 16.77
CA LEU B 96 21.50 -18.25 16.37
C LEU B 96 20.04 -18.63 16.56
N VAL B 97 19.47 -19.29 15.56
CA VAL B 97 18.06 -19.65 15.50
C VAL B 97 17.91 -21.17 15.30
N THR B 98 17.22 -21.82 16.22
CA THR B 98 16.92 -23.23 16.07
C THR B 98 15.41 -23.39 16.01
N GLY B 99 14.94 -24.36 15.20
CA GLY B 99 13.52 -24.65 15.16
C GLY B 99 13.06 -25.30 13.87
N GLN B 100 11.75 -25.41 13.69
CA GLN B 100 11.17 -25.99 12.48
C GLN B 100 9.66 -25.70 12.35
N SER B 101 9.11 -25.97 11.17
CA SER B 101 7.67 -25.85 10.91
C SER B 101 7.15 -24.50 11.41
N GLY B 102 7.87 -23.42 11.08
CA GLY B 102 7.46 -22.08 11.45
C GLY B 102 7.75 -21.58 12.85
N LEU B 103 8.10 -22.48 13.76
CA LEU B 103 8.33 -22.13 15.17
C LEU B 103 9.78 -22.18 15.56
N PHE B 104 10.37 -21.02 15.89
CA PHE B 104 11.82 -20.92 16.15
C PHE B 104 12.16 -20.26 17.50
N THR B 105 13.36 -20.55 18.01
CA THR B 105 13.87 -19.94 19.21
C THR B 105 15.25 -19.35 18.91
N GLN B 106 15.42 -18.10 19.26
CA GLN B 106 16.59 -17.34 18.90
C GLN B 106 17.56 -17.20 20.09
N TYR B 107 18.78 -17.72 19.95
CA TYR B 107 19.75 -17.56 21.03
C TYR B 107 20.73 -16.46 20.66
N ASN B 108 20.82 -15.44 21.51
CA ASN B 108 21.60 -14.25 21.20
C ASN B 108 22.97 -14.20 21.92
N ILE B 109 24.00 -14.79 21.31
CA ILE B 109 25.39 -14.77 21.82
C ILE B 109 26.17 -13.46 21.72
N GLN B 110 26.59 -12.90 22.85
CA GLN B 110 27.37 -11.66 22.84
C GLN B 110 28.79 -11.93 22.34
N LYS B 111 29.23 -11.13 21.39
CA LYS B 111 30.60 -11.19 20.86
C LYS B 111 31.44 -9.98 21.29
N LYS B 112 32.64 -9.85 20.72
CA LYS B 112 33.53 -8.77 21.16
C LYS B 112 33.26 -7.49 20.38
N ALA B 113 33.51 -6.36 21.04
CA ALA B 113 33.18 -5.03 20.50
C ALA B 113 33.82 -4.78 19.14
N MET B 114 33.21 -3.87 18.38
CA MET B 114 33.69 -3.53 17.05
C MET B 114 33.18 -2.14 16.68
N THR B 115 33.65 -1.60 15.57
CA THR B 115 33.21 -0.27 15.15
C THR B 115 32.11 -0.34 14.09
N VAL B 116 31.48 0.79 13.78
CA VAL B 116 30.53 0.87 12.69
C VAL B 116 31.22 0.59 11.36
N ARG B 117 32.44 1.09 11.23
N ARG B 117 32.43 1.13 11.23
CA ARG B 117 33.26 0.84 10.04
CA ARG B 117 33.29 0.86 10.08
C ARG B 117 33.53 -0.65 9.92
C ARG B 117 33.52 -0.64 9.93
N GLU B 118 33.80 -1.30 11.05
CA GLU B 118 34.06 -2.73 11.08
C GLU B 118 32.81 -3.52 10.74
N PHE B 119 31.71 -3.13 11.36
CA PHE B 119 30.41 -3.78 11.16
C PHE B 119 29.93 -3.70 9.72
N ARG B 120 29.97 -2.50 9.13
CA ARG B 120 29.50 -2.30 7.76
C ARG B 120 30.28 -3.14 6.77
N LYS B 121 31.55 -3.36 7.04
CA LYS B 121 32.36 -4.17 6.15
C LYS B 121 31.83 -5.60 6.12
N ILE B 122 31.48 -6.14 7.28
CA ILE B 122 30.98 -7.51 7.38
C ILE B 122 29.52 -7.68 6.90
N ALA B 123 28.73 -6.61 7.03
CA ALA B 123 27.32 -6.66 6.62
C ALA B 123 27.21 -6.70 5.10
N ASN B 124 28.09 -5.95 4.45
CA ASN B 124 28.10 -5.83 3.00
C ASN B 124 29.04 -6.86 2.39
N SER B 125 29.77 -7.57 3.26
CA SER B 125 30.53 -8.76 2.88
C SER B 125 29.70 -9.74 2.05
N ASP B 126 30.35 -10.56 1.24
CA ASP B 126 29.61 -11.43 0.33
C ASP B 126 28.87 -12.59 1.03
N LYS B 127 29.23 -12.92 2.26
CA LYS B 127 28.58 -14.05 2.90
C LYS B 127 27.40 -13.59 3.78
N TYR B 128 27.32 -12.29 4.04
CA TYR B 128 26.24 -11.76 4.88
C TYR B 128 25.34 -10.75 4.16
N CYS B 129 25.66 -10.41 2.92
CA CYS B 129 24.89 -9.37 2.24
C CYS B 129 23.52 -9.91 1.81
N THR B 130 22.61 -8.97 1.53
CA THR B 130 21.28 -9.29 1.05
C THR B 130 21.36 -10.08 -0.24
N PRO B 131 20.53 -11.14 -0.36
CA PRO B 131 20.46 -11.92 -1.61
C PRO B 131 19.70 -11.14 -2.70
N ARG B 132 19.81 -11.56 -3.95
CA ARG B 132 19.10 -10.86 -5.02
C ARG B 132 17.64 -11.26 -5.00
N TYR B 133 16.76 -10.34 -5.41
CA TYR B 133 15.32 -10.61 -5.38
C TYR B 133 14.53 -9.67 -6.28
N SER B 134 13.33 -10.10 -6.65
CA SER B 134 12.42 -9.26 -7.43
C SER B 134 11.61 -8.42 -6.45
N GLU B 135 10.46 -8.96 -6.02
CA GLU B 135 9.59 -8.31 -5.04
C GLU B 135 9.92 -8.69 -3.60
N PHE B 136 9.33 -7.95 -2.67
CA PHE B 136 9.46 -8.22 -1.24
C PHE B 136 9.04 -9.63 -0.89
N GLU B 137 7.96 -10.12 -1.52
CA GLU B 137 7.49 -11.47 -1.24
C GLU B 137 8.63 -12.46 -1.40
N GLU B 138 9.48 -12.28 -2.40
CA GLU B 138 10.64 -13.16 -2.61
C GLU B 138 11.62 -13.03 -1.46
N LEU B 139 11.90 -11.80 -1.04
CA LEU B 139 12.87 -11.58 0.05
C LEU B 139 12.32 -12.17 1.35
N GLU B 140 11.02 -11.99 1.56
CA GLU B 140 10.34 -12.51 2.75
C GLU B 140 10.43 -14.05 2.81
N ARG B 141 10.15 -14.72 1.70
CA ARG B 141 10.30 -16.17 1.59
C ARG B 141 11.74 -16.60 1.93
N LYS B 142 12.71 -15.90 1.37
CA LYS B 142 14.09 -16.25 1.65
C LYS B 142 14.38 -16.05 3.15
N TYR B 143 13.78 -15.03 3.76
CA TYR B 143 13.99 -14.86 5.21
C TYR B 143 13.53 -16.07 6.03
N TRP B 144 12.28 -16.50 5.83
CA TRP B 144 11.71 -17.62 6.60
C TRP B 144 12.26 -18.94 6.19
N LYS B 145 12.90 -18.99 5.02
CA LYS B 145 13.50 -20.25 4.60
C LYS B 145 14.99 -20.38 5.07
N ASN B 146 15.74 -19.28 5.11
CA ASN B 146 17.15 -19.36 5.51
C ASN B 146 17.47 -18.82 6.91
N LEU B 147 16.43 -18.63 7.71
CA LEU B 147 16.51 -18.07 9.07
C LEU B 147 17.59 -18.69 9.94
N THR B 148 17.68 -20.01 9.85
CA THR B 148 18.45 -20.79 10.79
C THR B 148 19.83 -21.13 10.25
N PHE B 149 20.22 -20.50 9.14
CA PHE B 149 21.54 -20.72 8.53
C PHE B 149 22.35 -19.42 8.57
N ASN B 150 23.67 -19.52 8.48
CA ASN B 150 24.56 -18.35 8.55
C ASN B 150 24.14 -17.33 9.62
N PRO B 151 24.26 -17.67 10.89
CA PRO B 151 23.87 -16.73 11.96
C PRO B 151 24.50 -15.35 11.79
N PRO B 152 23.69 -14.33 11.51
CA PRO B 152 24.14 -12.95 11.36
C PRO B 152 24.52 -12.32 12.70
N ILE B 153 25.13 -11.15 12.66
CA ILE B 153 25.50 -10.40 13.85
C ILE B 153 24.64 -9.17 13.91
N TYR B 154 24.12 -8.83 15.08
CA TYR B 154 23.24 -7.67 15.18
C TYR B 154 23.77 -6.69 16.23
N GLY B 155 24.06 -5.47 15.78
CA GLY B 155 24.57 -4.45 16.68
C GLY B 155 23.45 -3.76 17.40
N ALA B 156 22.88 -4.47 18.36
CA ALA B 156 21.69 -4.04 19.08
C ALA B 156 22.03 -3.38 20.41
N ASP B 157 21.04 -2.69 20.99
CA ASP B 157 21.17 -2.08 22.31
C ASP B 157 22.43 -1.24 22.50
N VAL B 158 22.56 -0.22 21.65
CA VAL B 158 23.69 0.70 21.70
C VAL B 158 23.25 2.11 22.14
N ASN B 159 23.60 2.48 23.37
CA ASN B 159 23.21 3.77 23.93
C ASN B 159 23.71 4.90 23.05
N GLY B 160 22.88 5.90 22.78
CA GLY B 160 23.28 6.95 21.86
C GLY B 160 22.17 7.53 20.99
N THR B 161 22.50 8.64 20.31
CA THR B 161 21.59 9.34 19.42
C THR B 161 22.35 9.69 18.15
N LEU B 162 21.64 9.93 17.05
CA LEU B 162 22.28 10.46 15.85
C LEU B 162 21.70 11.83 15.48
N TYR B 163 20.72 12.28 16.25
CA TYR B 163 20.18 13.62 16.08
C TYR B 163 21.23 14.68 16.40
N GLU B 164 21.35 15.69 15.55
CA GLU B 164 22.12 16.87 15.92
C GLU B 164 21.34 17.52 17.07
N LYS B 165 22.06 18.15 17.99
CA LYS B 165 21.46 18.61 19.25
C LYS B 165 20.37 19.67 19.04
N HIS B 166 20.42 20.36 17.91
N HIS B 166 20.44 20.37 17.92
CA HIS B 166 19.54 21.51 17.71
CA HIS B 166 19.56 21.50 17.67
C HIS B 166 18.17 21.11 17.16
C HIS B 166 18.17 21.09 17.22
N VAL B 167 18.04 19.85 16.73
CA VAL B 167 16.75 19.33 16.21
C VAL B 167 15.68 19.19 17.30
N ASP B 168 14.58 19.92 17.17
CA ASP B 168 13.58 19.95 18.24
C ASP B 168 12.24 19.29 17.85
N GLU B 169 12.16 18.70 16.67
CA GLU B 169 10.92 18.01 16.29
C GLU B 169 11.13 16.50 16.23
N TRP B 170 10.37 15.78 17.03
CA TRP B 170 10.44 14.33 17.09
C TRP B 170 11.85 13.87 17.41
N ASN B 171 12.44 14.47 18.43
CA ASN B 171 13.77 14.07 18.84
C ASN B 171 13.71 12.92 19.83
N ILE B 172 14.12 11.74 19.34
CA ILE B 172 13.96 10.50 20.09
C ILE B 172 14.72 10.52 21.42
N GLY B 173 15.79 11.32 21.49
CA GLY B 173 16.51 11.51 22.74
C GLY B 173 15.69 12.24 23.78
N ARG B 174 14.93 13.26 23.35
CA ARG B 174 14.18 14.08 24.27
C ARG B 174 12.76 14.40 23.81
N LEU B 175 11.89 13.38 23.87
CA LEU B 175 10.50 13.56 23.51
C LEU B 175 9.82 14.21 24.71
N ARG B 176 8.62 14.73 24.52
CA ARG B 176 7.94 15.38 25.64
C ARG B 176 6.82 14.49 26.16
N THR B 177 7.15 13.37 26.78
CA THR B 177 6.10 12.48 27.25
C THR B 177 6.10 12.30 28.75
N ILE B 178 4.95 11.85 29.26
CA ILE B 178 4.73 11.65 30.70
C ILE B 178 5.60 10.55 31.26
N LEU B 179 6.29 9.81 30.39
CA LEU B 179 7.25 8.80 30.83
C LEU B 179 8.47 9.47 31.46
N ASP B 180 8.66 10.76 31.15
CA ASP B 180 9.76 11.52 31.72
C ASP B 180 9.60 11.68 33.22
N LEU B 181 8.40 11.37 33.73
CA LEU B 181 8.10 11.36 35.17
C LEU B 181 8.87 10.31 35.93
N VAL B 182 9.55 9.43 35.20
CA VAL B 182 10.35 8.39 35.80
C VAL B 182 11.69 9.04 36.16
N GLU B 183 12.09 10.03 35.34
CA GLU B 183 13.32 10.79 35.61
C GLU B 183 13.09 12.11 36.38
N LYS B 184 11.95 12.78 36.16
CA LYS B 184 11.64 14.04 36.83
C LYS B 184 11.12 13.86 38.29
N GLU B 185 10.30 12.82 38.49
CA GLU B 185 9.70 12.54 39.80
C GLU B 185 10.32 11.29 40.45
N SER B 186 11.41 10.80 39.88
CA SER B 186 12.15 9.67 40.44
C SER B 186 13.59 9.75 39.91
N GLY B 187 14.53 9.12 40.62
CA GLY B 187 15.91 9.18 40.21
C GLY B 187 16.28 8.12 39.18
N ILE B 188 15.27 7.42 38.67
CA ILE B 188 15.50 6.28 37.78
C ILE B 188 15.61 6.65 36.31
N THR B 189 16.75 6.34 35.71
CA THR B 189 16.91 6.38 34.26
C THR B 189 17.00 4.92 33.81
N ILE B 190 15.97 4.44 33.14
CA ILE B 190 15.97 3.08 32.62
C ILE B 190 16.51 3.04 31.19
N GLU B 191 17.72 2.51 31.03
CA GLU B 191 18.38 2.49 29.72
C GLU B 191 17.56 1.77 28.65
N GLY B 192 17.25 2.48 27.58
CA GLY B 192 16.42 1.94 26.50
C GLY B 192 14.97 2.32 26.64
N VAL B 193 14.55 2.65 27.86
CA VAL B 193 13.16 3.01 28.11
C VAL B 193 12.98 4.50 27.92
N ASN B 194 13.61 5.33 28.75
CA ASN B 194 13.52 6.79 28.56
C ASN B 194 14.81 7.38 27.97
N THR B 195 15.69 6.52 27.49
CA THR B 195 16.89 6.98 26.78
C THR B 195 17.03 6.23 25.45
N PRO B 196 17.63 6.90 24.45
CA PRO B 196 17.72 6.33 23.09
C PRO B 196 18.68 5.18 22.98
N TYR B 197 18.34 4.28 22.05
CA TYR B 197 19.15 3.14 21.67
C TYR B 197 19.37 3.11 20.15
N LEU B 198 20.52 2.60 19.73
CA LEU B 198 20.85 2.47 18.31
C LEU B 198 20.87 1.01 17.92
N TYR B 199 20.32 0.70 16.76
CA TYR B 199 20.28 -0.67 16.30
C TYR B 199 20.90 -0.75 14.91
N PHE B 200 22.11 -1.29 14.85
CA PHE B 200 22.80 -1.49 13.58
C PHE B 200 22.52 -2.91 13.14
N GLY B 201 21.85 -3.07 12.00
CA GLY B 201 21.49 -4.40 11.55
C GLY B 201 22.11 -4.81 10.24
N MET B 202 22.08 -6.10 9.97
CA MET B 202 22.45 -6.61 8.67
C MET B 202 21.40 -7.60 8.23
N TRP B 203 21.58 -8.15 7.04
CA TRP B 203 20.59 -9.00 6.42
C TRP B 203 20.27 -10.15 7.33
N LYS B 204 18.97 -10.33 7.55
CA LYS B 204 18.43 -11.45 8.31
C LYS B 204 18.51 -11.26 9.83
N THR B 205 19.07 -10.17 10.34
CA THR B 205 18.94 -10.01 11.77
C THR B 205 17.49 -9.69 12.00
N SER B 206 16.94 -10.18 13.11
CA SER B 206 15.54 -10.01 13.41
C SER B 206 15.30 -9.63 14.85
N PHE B 207 14.06 -9.25 15.14
CA PHE B 207 13.59 -9.05 16.49
C PHE B 207 12.42 -9.98 16.66
N ALA B 208 12.38 -10.66 17.81
CA ALA B 208 11.36 -11.66 18.10
C ALA B 208 10.04 -11.00 18.48
N TRP B 209 9.00 -11.82 18.62
CA TRP B 209 7.66 -11.37 19.00
C TRP B 209 7.62 -10.85 20.42
N HIS B 210 7.28 -9.59 20.61
CA HIS B 210 7.25 -9.02 21.95
C HIS B 210 6.36 -7.80 21.92
N THR B 211 5.82 -7.43 23.07
CA THR B 211 5.38 -6.06 23.32
C THR B 211 6.51 -5.28 24.03
N GLU B 212 6.36 -3.97 24.17
CA GLU B 212 7.41 -3.18 24.79
C GLU B 212 7.37 -3.38 26.31
N ASP B 213 8.48 -3.07 26.98
CA ASP B 213 8.55 -3.19 28.42
C ASP B 213 7.44 -2.33 29.02
N MET B 214 6.76 -2.87 30.03
CA MET B 214 5.64 -2.20 30.69
C MET B 214 4.52 -1.85 29.72
N ASP B 215 4.50 -2.56 28.59
CA ASP B 215 3.50 -2.38 27.54
C ASP B 215 3.34 -0.94 27.12
N LEU B 216 4.49 -0.29 26.98
CA LEU B 216 4.60 1.12 26.59
C LEU B 216 4.46 1.30 25.10
N TYR B 217 4.49 2.56 24.65
CA TYR B 217 4.68 2.85 23.24
C TYR B 217 6.14 2.78 22.92
N SER B 218 6.45 2.58 21.65
CA SER B 218 7.81 2.73 21.20
C SER B 218 7.79 3.57 19.94
N ILE B 219 8.94 4.13 19.64
CA ILE B 219 9.17 4.89 18.43
C ILE B 219 10.45 4.33 17.84
N ASN B 220 10.54 4.26 16.52
CA ASN B 220 11.69 3.65 15.84
C ASN B 220 11.90 4.43 14.55
N TYR B 221 13.06 5.07 14.43
CA TYR B 221 13.39 5.85 13.25
C TYR B 221 14.52 5.18 12.50
N LEU B 222 14.43 5.09 11.18
CA LEU B 222 15.44 4.39 10.36
C LEU B 222 16.40 5.38 9.70
N HIS B 223 17.53 5.62 10.34
CA HIS B 223 18.48 6.65 9.88
C HIS B 223 18.97 6.45 8.44
N PHE B 224 19.37 5.23 8.10
CA PHE B 224 19.87 4.99 6.77
C PHE B 224 19.92 3.52 6.44
N GLY B 225 20.35 3.23 5.22
CA GLY B 225 20.62 1.87 4.83
C GLY B 225 19.34 1.23 4.35
N GLU B 226 19.39 -0.09 4.22
CA GLU B 226 18.35 -0.87 3.62
C GLU B 226 17.10 -0.99 4.52
N PRO B 227 15.96 -1.39 3.94
CA PRO B 227 14.73 -1.38 4.77
C PRO B 227 14.68 -2.38 5.96
N LYS B 228 13.67 -2.16 6.77
CA LYS B 228 13.35 -2.98 7.92
C LYS B 228 11.89 -3.43 7.79
N SER B 229 11.61 -4.73 7.84
CA SER B 229 10.22 -5.24 7.71
C SER B 229 9.60 -5.63 9.04
N TRP B 230 8.31 -5.34 9.22
CA TRP B 230 7.62 -5.50 10.49
C TRP B 230 6.37 -6.38 10.31
N TYR B 231 6.08 -7.22 11.30
CA TYR B 231 4.80 -7.87 11.45
C TYR B 231 4.19 -7.40 12.77
N SER B 232 2.86 -7.40 12.83
CA SER B 232 2.15 -6.80 13.97
C SER B 232 0.81 -7.50 14.26
N VAL B 233 0.54 -7.84 15.52
CA VAL B 233 -0.75 -8.40 15.92
C VAL B 233 -1.49 -7.34 16.72
N PRO B 234 -2.71 -6.99 16.29
CA PRO B 234 -3.52 -5.94 16.93
C PRO B 234 -3.64 -6.21 18.40
N PRO B 235 -3.60 -5.16 19.22
CA PRO B 235 -3.74 -5.32 20.67
C PRO B 235 -4.97 -6.16 21.05
N GLU B 236 -6.09 -6.00 20.35
CA GLU B 236 -7.30 -6.71 20.76
C GLU B 236 -7.23 -8.20 20.45
N HIS B 237 -6.21 -8.65 19.72
CA HIS B 237 -6.00 -10.08 19.51
C HIS B 237 -4.66 -10.57 20.09
N GLY B 238 -3.99 -9.72 20.84
CA GLY B 238 -2.74 -10.08 21.46
C GLY B 238 -2.79 -11.32 22.33
N LYS B 239 -3.86 -11.45 23.13
CA LYS B 239 -4.04 -12.62 24.00
C LYS B 239 -4.08 -13.94 23.24
N ARG B 240 -4.57 -13.88 22.01
CA ARG B 240 -4.65 -15.06 21.14
C ARG B 240 -3.25 -15.52 20.76
N LEU B 241 -2.36 -14.57 20.46
CA LEU B 241 -0.98 -14.94 20.18
C LEU B 241 -0.34 -15.63 21.38
N GLU B 242 -0.66 -15.15 22.60
CA GLU B 242 -0.09 -15.68 23.85
C GLU B 242 -0.63 -17.07 24.14
N ARG B 243 -1.90 -17.29 23.86
CA ARG B 243 -2.48 -18.61 24.03
C ARG B 243 -1.76 -19.62 23.15
N LEU B 244 -1.39 -19.16 21.96
CA LEU B 244 -0.71 -19.96 20.97
C LEU B 244 0.73 -20.24 21.40
N ALA B 245 1.42 -19.21 21.87
CA ALA B 245 2.81 -19.36 22.31
C ALA B 245 2.89 -20.34 23.47
N LYS B 246 1.91 -20.32 24.38
CA LYS B 246 1.93 -21.26 25.50
C LYS B 246 1.53 -22.68 25.06
N GLY B 247 0.91 -22.81 23.90
CA GLY B 247 0.61 -24.14 23.39
C GLY B 247 1.84 -24.80 22.80
N PHE B 248 2.66 -23.99 22.13
CA PHE B 248 3.87 -24.47 21.47
C PHE B 248 5.12 -24.57 22.34
N PHE B 249 5.22 -23.73 23.37
CA PHE B 249 6.38 -23.77 24.26
C PHE B 249 5.94 -23.99 25.69
N PRO B 250 5.38 -25.18 25.99
CA PRO B 250 4.74 -25.44 27.28
C PRO B 250 5.70 -25.40 28.47
N GLY B 251 6.94 -25.83 28.28
CA GLY B 251 7.92 -25.78 29.36
C GLY B 251 8.27 -24.35 29.72
N SER B 252 8.38 -23.50 28.70
CA SER B 252 8.67 -22.09 28.90
C SER B 252 7.56 -21.39 29.69
N ALA B 253 6.31 -21.74 29.36
CA ALA B 253 5.14 -21.20 30.03
C ALA B 253 5.08 -21.48 31.55
N GLU B 254 5.45 -22.69 31.96
CA GLU B 254 5.44 -23.03 33.39
C GLU B 254 6.51 -22.26 34.15
N SER B 255 7.70 -22.09 33.55
CA SER B 255 8.80 -21.44 34.26
C SER B 255 8.77 -19.91 34.21
N CYS B 256 7.79 -19.34 33.53
CA CYS B 256 7.67 -17.88 33.52
C CYS B 256 6.29 -17.42 33.07
N GLU B 257 5.74 -16.46 33.81
CA GLU B 257 4.40 -15.93 33.59
C GLU B 257 4.30 -15.14 32.28
N ALA B 258 5.43 -14.66 31.77
CA ALA B 258 5.42 -13.97 30.49
C ALA B 258 6.71 -14.21 29.70
N PHE B 259 6.91 -15.44 29.24
CA PHE B 259 8.18 -15.82 28.62
C PHE B 259 8.44 -15.13 27.28
N LEU B 260 7.39 -14.64 26.62
CA LEU B 260 7.60 -13.91 25.36
C LEU B 260 8.40 -12.64 25.60
N ARG B 261 8.35 -12.10 26.83
CA ARG B 261 9.19 -10.95 27.18
C ARG B 261 10.70 -11.24 27.06
N HIS B 262 11.09 -12.51 27.03
CA HIS B 262 12.51 -12.83 26.83
C HIS B 262 12.95 -12.48 25.43
N LYS B 263 11.97 -12.25 24.54
CA LYS B 263 12.25 -11.85 23.17
C LYS B 263 13.09 -12.89 22.45
N MET B 264 12.76 -14.16 22.68
CA MET B 264 13.42 -15.27 21.99
C MET B 264 12.50 -16.05 21.04
N THR B 265 11.21 -15.70 20.94
CA THR B 265 10.30 -16.57 20.18
C THR B 265 9.95 -16.01 18.80
N LEU B 266 10.22 -16.79 17.76
CA LEU B 266 9.92 -16.38 16.37
C LEU B 266 8.85 -17.28 15.79
N ILE B 267 7.86 -16.70 15.15
CA ILE B 267 6.71 -17.43 14.64
C ILE B 267 6.36 -16.86 13.26
N SER B 268 6.47 -17.67 12.21
CA SER B 268 6.29 -17.20 10.85
C SER B 268 4.85 -16.80 10.62
N PRO B 269 4.61 -15.91 9.65
CA PRO B 269 3.25 -15.51 9.28
C PRO B 269 2.38 -16.69 8.81
N LEU B 270 3.00 -17.75 8.27
CA LEU B 270 2.25 -18.94 7.87
C LEU B 270 1.66 -19.59 9.09
N MET B 271 2.46 -19.70 10.15
CA MET B 271 1.96 -20.32 11.36
C MET B 271 0.79 -19.49 11.91
N LEU B 272 0.91 -18.18 11.85
CA LEU B 272 -0.14 -17.30 12.36
C LEU B 272 -1.46 -17.41 11.57
N LYS B 273 -1.35 -17.42 10.24
CA LYS B 273 -2.50 -17.56 9.36
C LYS B 273 -3.20 -18.89 9.67
N LYS B 274 -2.40 -19.95 9.82
CA LYS B 274 -2.88 -21.30 10.02
C LYS B 274 -3.69 -21.48 11.29
N TYR B 275 -3.33 -20.74 12.34
CA TYR B 275 -4.04 -20.88 13.60
C TYR B 275 -5.01 -19.73 13.78
N GLY B 276 -5.19 -18.97 12.70
CA GLY B 276 -6.16 -17.89 12.70
C GLY B 276 -5.85 -16.73 13.62
N ILE B 277 -4.58 -16.33 13.71
CA ILE B 277 -4.25 -15.06 14.40
C ILE B 277 -4.19 -13.93 13.38
N PRO B 278 -5.02 -12.91 13.55
CA PRO B 278 -4.99 -11.78 12.61
C PRO B 278 -3.63 -11.05 12.71
N PHE B 279 -3.08 -10.62 11.59
CA PHE B 279 -1.86 -9.85 11.61
C PHE B 279 -1.80 -9.01 10.34
N ASP B 280 -0.88 -8.06 10.31
CA ASP B 280 -0.62 -7.24 9.15
C ASP B 280 0.90 -7.15 9.04
N LYS B 281 1.43 -6.74 7.89
CA LYS B 281 2.87 -6.52 7.80
C LYS B 281 3.14 -5.21 7.07
N VAL B 282 4.33 -4.64 7.28
CA VAL B 282 4.69 -3.38 6.67
C VAL B 282 6.19 -3.29 6.56
N THR B 283 6.68 -2.58 5.55
CA THR B 283 8.10 -2.36 5.39
C THR B 283 8.42 -0.89 5.65
N GLN B 284 9.42 -0.65 6.49
CA GLN B 284 9.83 0.71 6.84
C GLN B 284 11.09 1.00 6.01
N GLU B 285 11.06 2.08 5.22
CA GLU B 285 12.26 2.49 4.51
C GLU B 285 12.90 3.69 5.21
N ALA B 286 14.15 3.96 4.82
CA ALA B 286 14.97 4.98 5.44
C ALA B 286 14.29 6.34 5.45
N GLY B 287 14.31 6.99 6.61
CA GLY B 287 13.77 8.32 6.73
C GLY B 287 12.36 8.33 7.26
N GLU B 288 11.88 7.14 7.63
CA GLU B 288 10.51 6.98 8.12
C GLU B 288 10.45 6.43 9.53
N PHE B 289 9.37 6.78 10.22
CA PHE B 289 9.07 6.37 11.59
C PHE B 289 8.09 5.20 11.66
N MET B 290 8.36 4.25 12.57
CA MET B 290 7.35 3.32 13.07
C MET B 290 7.06 3.65 14.52
N ILE B 291 5.77 3.60 14.85
CA ILE B 291 5.21 3.80 16.17
C ILE B 291 4.50 2.52 16.58
N THR B 292 4.89 1.94 17.72
CA THR B 292 4.17 0.78 18.23
C THR B 292 3.34 1.16 19.44
N PHE B 293 2.18 0.52 19.59
CA PHE B 293 1.23 0.90 20.61
C PHE B 293 1.20 -0.09 21.75
N PRO B 294 0.61 0.31 22.89
CA PRO B 294 0.55 -0.57 24.04
C PRO B 294 -0.12 -1.93 23.73
N TYR B 295 0.55 -2.99 24.13
CA TYR B 295 0.11 -4.36 23.94
C TYR B 295 0.05 -4.74 22.46
N GLY B 296 0.74 -4.00 21.60
CA GLY B 296 0.86 -4.39 20.21
C GLY B 296 2.04 -5.35 19.99
N TYR B 297 1.78 -6.64 19.96
CA TYR B 297 2.85 -7.61 19.65
C TYR B 297 3.45 -7.37 18.27
N HIS B 298 4.78 -7.36 18.18
CA HIS B 298 5.41 -7.15 16.88
C HIS B 298 6.74 -7.88 16.75
N ALA B 299 7.17 -8.02 15.51
CA ALA B 299 8.39 -8.74 15.14
C ALA B 299 8.75 -8.30 13.75
N GLY B 300 9.95 -8.70 13.32
CA GLY B 300 10.38 -8.41 11.95
C GLY B 300 11.84 -8.70 11.72
N PHE B 301 12.36 -8.32 10.56
CA PHE B 301 13.76 -8.52 10.22
C PHE B 301 14.30 -7.34 9.43
N ASN B 302 15.63 -7.24 9.40
CA ASN B 302 16.32 -6.27 8.58
C ASN B 302 16.65 -6.80 7.19
N HIS B 303 16.52 -5.93 6.17
CA HIS B 303 16.83 -6.33 4.79
C HIS B 303 18.33 -6.29 4.52
N GLY B 304 19.03 -5.37 5.18
CA GLY B 304 20.46 -5.28 4.98
C GLY B 304 21.03 -4.26 5.93
N PHE B 305 22.26 -3.84 5.65
CA PHE B 305 22.93 -2.93 6.56
C PHE B 305 22.14 -1.67 6.69
N ASN B 306 21.84 -1.32 7.94
CA ASN B 306 21.11 -0.11 8.23
C ASN B 306 21.34 0.30 9.66
N CYS B 307 20.68 1.38 10.06
CA CYS B 307 20.79 1.83 11.41
C CYS B 307 19.49 2.48 11.81
N ALA B 308 19.00 2.10 12.98
CA ALA B 308 17.75 2.63 13.52
C ALA B 308 17.97 3.08 14.96
N GLU B 309 17.26 4.13 15.33
CA GLU B 309 17.23 4.66 16.69
C GLU B 309 15.84 4.51 17.27
N SER B 310 15.77 4.17 18.56
CA SER B 310 14.50 3.85 19.21
C SER B 310 14.41 4.19 20.71
N THR B 311 13.21 4.59 21.17
CA THR B 311 12.85 4.69 22.61
C THR B 311 11.40 4.38 22.88
N ASN B 312 11.11 4.16 24.16
CA ASN B 312 9.74 4.05 24.64
C ASN B 312 9.20 5.42 24.98
N PHE B 313 7.88 5.51 25.12
CA PHE B 313 7.22 6.72 25.56
C PHE B 313 5.82 6.34 26.01
N ALA B 314 5.07 7.33 26.46
CA ALA B 314 3.78 7.02 27.05
C ALA B 314 2.79 8.14 26.80
N THR B 315 1.50 7.86 27.00
CA THR B 315 0.44 8.85 27.03
C THR B 315 -0.43 8.48 28.20
N ARG B 316 -1.54 9.19 28.40
CA ARG B 316 -2.42 8.88 29.52
C ARG B 316 -3.09 7.53 29.35
N ARG B 317 -3.44 7.20 28.11
CA ARG B 317 -4.05 5.90 27.81
C ARG B 317 -3.09 4.77 28.21
N TRP B 318 -1.77 4.99 28.11
CA TRP B 318 -0.82 3.93 28.50
C TRP B 318 -0.98 3.49 29.94
N ILE B 319 -1.34 4.43 30.80
CA ILE B 319 -1.29 4.21 32.26
C ILE B 319 -1.98 2.94 32.73
N GLU B 320 -3.21 2.74 32.27
CA GLU B 320 -3.96 1.55 32.67
C GLU B 320 -3.29 0.27 32.19
N TYR B 321 -2.68 0.34 31.01
CA TYR B 321 -1.93 -0.82 30.52
C TYR B 321 -0.78 -1.08 31.49
N GLY B 322 -0.15 0.00 31.95
CA GLY B 322 1.00 -0.13 32.83
C GLY B 322 0.65 -0.94 34.03
N LYS B 323 -0.54 -0.67 34.59
CA LYS B 323 -0.99 -1.28 35.84
C LYS B 323 -1.30 -2.78 35.74
N GLN B 324 -1.72 -3.23 34.57
CA GLN B 324 -2.16 -4.60 34.46
C GLN B 324 -1.14 -5.48 33.78
N ALA B 325 -0.07 -4.86 33.31
CA ALA B 325 0.93 -5.59 32.54
C ALA B 325 1.49 -6.76 33.32
N VAL B 326 1.58 -7.91 32.65
CA VAL B 326 2.21 -9.09 33.22
C VAL B 326 3.71 -9.03 32.90
N LEU B 327 4.56 -9.14 33.93
CA LEU B 327 6.01 -9.00 33.74
C LEU B 327 6.75 -10.35 33.87
N CYS B 328 7.99 -10.40 33.39
CA CYS B 328 8.80 -11.61 33.51
C CYS B 328 8.90 -12.05 34.98
N SER B 329 8.80 -13.35 35.25
CA SER B 329 8.78 -13.82 36.63
C SER B 329 10.04 -14.59 37.04
N CYS B 330 11.03 -14.67 36.15
CA CYS B 330 12.15 -15.60 36.32
C CYS B 330 13.56 -14.99 36.23
N ARG B 331 13.67 -13.66 36.12
CA ARG B 331 14.97 -13.03 35.95
C ARG B 331 15.22 -11.85 36.90
N LYS B 332 16.49 -11.51 37.08
CA LYS B 332 16.91 -10.49 38.04
C LYS B 332 16.82 -9.07 37.51
N ASP B 333 17.64 -8.74 36.53
CA ASP B 333 17.74 -7.39 36.00
C ASP B 333 16.65 -7.08 34.95
N MET B 334 15.39 -7.33 35.28
CA MET B 334 14.27 -7.03 34.38
C MET B 334 13.57 -5.72 34.70
N VAL B 335 13.20 -5.01 33.63
CA VAL B 335 12.55 -3.71 33.72
C VAL B 335 11.16 -3.77 34.36
N LYS B 336 11.05 -3.21 35.56
CA LYS B 336 9.80 -3.02 36.27
C LYS B 336 9.71 -1.54 36.59
N ILE B 337 8.53 -0.97 36.41
CA ILE B 337 8.38 0.46 36.66
C ILE B 337 7.28 0.64 37.70
N SER B 338 7.56 1.46 38.69
CA SER B 338 6.57 1.77 39.70
C SER B 338 5.47 2.61 39.09
N MET B 339 4.23 2.11 39.15
CA MET B 339 3.07 2.82 38.61
C MET B 339 2.50 3.87 39.59
N ASP B 340 2.97 3.81 40.82
CA ASP B 340 2.42 4.59 41.92
C ASP B 340 2.30 6.07 41.53
N VAL B 341 3.41 6.68 41.14
CA VAL B 341 3.43 8.08 40.69
C VAL B 341 2.43 8.41 39.56
N PHE B 342 2.27 7.52 38.59
CA PHE B 342 1.35 7.78 37.47
C PHE B 342 -0.08 7.79 37.93
N VAL B 343 -0.42 6.83 38.79
CA VAL B 343 -1.78 6.69 39.26
C VAL B 343 -2.14 7.87 40.16
N ARG B 344 -1.18 8.23 41.01
CA ARG B 344 -1.35 9.32 41.98
C ARG B 344 -1.61 10.63 41.28
N LYS B 345 -0.86 10.92 40.22
CA LYS B 345 -0.96 12.18 39.50
C LYS B 345 -2.08 12.24 38.44
N PHE B 346 -2.39 11.13 37.75
CA PHE B 346 -3.35 11.17 36.63
C PHE B 346 -4.68 10.50 36.91
N GLN B 347 -4.73 9.66 37.95
CA GLN B 347 -5.97 9.05 38.37
C GLN B 347 -6.16 9.16 39.90
N PRO B 348 -6.15 10.40 40.44
CA PRO B 348 -6.20 10.53 41.90
C PRO B 348 -7.50 9.95 42.51
N GLU B 349 -8.56 9.93 41.73
CA GLU B 349 -9.84 9.42 42.19
C GLU B 349 -9.81 7.91 42.40
N ARG B 350 -8.88 7.23 41.71
N ARG B 350 -8.88 7.22 41.74
CA ARG B 350 -8.78 5.77 41.77
CA ARG B 350 -8.82 5.77 41.86
C ARG B 350 -7.63 5.28 42.65
C ARG B 350 -7.68 5.30 42.76
N TYR B 351 -6.75 6.19 43.05
CA TYR B 351 -5.52 5.82 43.77
C TYR B 351 -5.74 4.95 45.00
N LYS B 352 -6.65 5.34 45.87
CA LYS B 352 -6.88 4.60 47.10
C LYS B 352 -7.49 3.21 46.84
N LEU B 353 -8.39 3.11 45.88
CA LEU B 353 -8.95 1.81 45.52
C LEU B 353 -7.86 0.93 44.92
N TRP B 354 -7.00 1.51 44.07
CA TRP B 354 -5.95 0.75 43.40
C TRP B 354 -4.94 0.23 44.42
N LYS B 355 -4.47 1.13 45.28
CA LYS B 355 -3.44 0.80 46.26
C LYS B 355 -3.95 -0.30 47.19
N ALA B 356 -5.27 -0.41 47.29
CA ALA B 356 -5.90 -1.47 48.08
C ALA B 356 -6.17 -2.73 47.26
N GLY B 357 -5.80 -2.71 45.97
CA GLY B 357 -5.98 -3.86 45.10
C GLY B 357 -7.44 -4.24 44.89
N LYS B 358 -8.31 -3.24 44.83
CA LYS B 358 -9.74 -3.48 44.61
C LYS B 358 -10.19 -2.78 43.33
N ASP B 359 -9.22 -2.28 42.57
CA ASP B 359 -9.48 -1.65 41.28
C ASP B 359 -9.59 -2.68 40.15
N ASN B 360 -10.80 -3.14 39.87
CA ASN B 360 -11.03 -4.18 38.88
C ASN B 360 -11.42 -3.64 37.50
N THR B 361 -10.81 -2.51 37.12
CA THR B 361 -10.98 -1.87 35.81
C THR B 361 -10.65 -2.83 34.65
N VAL B 362 -11.31 -2.65 33.50
CA VAL B 362 -11.08 -3.50 32.32
C VAL B 362 -10.69 -2.68 31.10
N ILE B 363 -9.57 -3.03 30.47
CA ILE B 363 -9.08 -2.23 29.34
C ILE B 363 -9.84 -2.51 28.05
N ASP B 364 -10.21 -1.43 27.35
CA ASP B 364 -10.80 -1.52 26.03
C ASP B 364 -9.85 -0.98 24.96
N HIS B 365 -9.32 -1.90 24.17
CA HIS B 365 -8.23 -1.62 23.24
C HIS B 365 -8.60 -0.75 22.04
N THR B 366 -9.89 -0.57 21.78
CA THR B 366 -10.26 0.26 20.63
C THR B 366 -10.38 1.75 21.01
N LEU B 367 -10.58 2.02 22.29
CA LEU B 367 -10.71 3.40 22.76
C LEU B 367 -9.42 4.20 22.55
N PRO B 368 -9.53 5.41 21.96
CA PRO B 368 -8.41 6.33 21.79
C PRO B 368 -8.00 7.05 23.11
N THR B 369 -6.80 7.62 23.13
CA THR B 369 -6.31 8.34 24.31
C THR B 369 -7.22 9.55 24.49
N PRO B 370 -7.53 9.91 25.76
CA PRO B 370 -8.46 11.02 26.04
C PRO B 370 -8.09 12.33 25.35
N GLU B 371 -6.81 12.53 25.05
CA GLU B 371 -6.30 13.75 24.41
C GLU B 371 -6.80 13.93 22.97
N ALA B 372 -7.62 13.01 22.49
CA ALA B 372 -8.16 13.08 21.14
C ALA B 372 -9.58 13.60 21.15
N ALA B 373 -9.93 14.35 22.19
CA ALA B 373 -11.24 15.01 22.24
C ALA B 373 -11.26 16.24 21.35
N GLU B 374 -10.07 16.73 21.01
CA GLU B 374 -9.86 17.89 20.14
C GLU B 374 -10.17 17.58 18.67
N PHE B 375 -10.10 16.30 18.30
CA PHE B 375 -10.21 15.88 16.91
C PHE B 375 -11.52 15.13 16.62
S SO4 C . -20.27 -4.70 2.02
O1 SO4 C . -20.02 -3.33 1.56
O2 SO4 C . -19.76 -5.63 1.00
O3 SO4 C . -19.60 -4.99 3.29
O4 SO4 C . -21.71 -4.89 2.17
O3 35M D . -17.04 1.53 -15.69
C6 35M D . -17.75 0.76 -16.36
C5 35M D . -19.16 0.45 -15.98
C4 35M D . -19.67 0.91 -14.76
C3 35M D . -20.95 0.53 -14.36
C2 35M D . -21.71 -0.31 -15.18
O4 35M D . -22.95 -0.72 -14.84
C1 35M D . -21.20 -0.77 -16.42
C 35M D . -19.92 -0.38 -16.81
N 35M D . -17.32 0.08 -17.53
C7 35M D . -16.01 0.15 -18.09
C12 35M D . -15.34 1.37 -18.24
C11 35M D . -13.98 1.40 -18.63
C10 35M D . -13.34 0.20 -18.88
O2 35M D . -12.13 0.15 -19.45
C9 35M D . -13.99 -1.05 -18.75
C8 35M D . -15.32 -1.07 -18.37
C13 35M D . -13.22 2.64 -18.57
N1 35M D . -11.83 2.57 -18.49
C17 35M D . -11.14 3.74 -18.46
C16 35M D . -11.72 4.96 -18.53
C15 35M D . -13.10 4.98 -18.60
C14 35M D . -13.88 3.84 -18.56
C18 35M D . -13.77 6.21 -18.97
O1 35M D . -13.38 6.92 -19.90
O 35M D . -14.87 6.58 -18.28
MN MN E . -10.51 0.79 -17.83
ZN ZN F . -19.79 -10.53 -9.45
C1 EDO G . -34.77 10.42 -18.76
O1 EDO G . -34.44 11.80 -18.63
C2 EDO G . -35.72 10.02 -17.63
O2 EDO G . -35.97 8.61 -17.63
C1 EDO H . -11.91 -9.17 -5.27
O1 EDO H . -13.31 -9.53 -5.08
C2 EDO H . -11.75 -7.88 -6.08
O2 EDO H . -12.31 -7.99 -7.41
S DMS I . -13.41 -0.17 -23.18
O DMS I . -12.82 0.91 -22.30
C1 DMS I . -14.57 0.60 -24.33
C2 DMS I . -14.60 -1.16 -22.24
S SO4 J . 9.45 -26.07 25.73
O1 SO4 J . 9.25 -24.67 26.14
O2 SO4 J . 9.43 -26.15 24.27
O3 SO4 J . 10.74 -26.53 26.23
O4 SO4 J . 8.37 -26.90 26.29
O3 35M K . 16.31 -5.77 24.48
C6 35M K . 16.44 -6.42 23.43
C5 35M K . 17.51 -7.46 23.33
C4 35M K . 18.86 -7.12 23.14
C3 35M K . 19.84 -8.11 23.22
C2 35M K . 19.44 -9.44 23.48
O4 35M K . 20.33 -10.46 23.65
C1 35M K . 18.09 -9.79 23.64
C 35M K . 17.13 -8.79 23.55
N 35M K . 15.61 -6.24 22.29
C7 35M K . 14.51 -5.34 22.12
C12 35M K . 14.19 -4.93 20.82
C11 35M K . 13.08 -4.09 20.54
C10 35M K . 12.32 -3.68 21.63
O2 35M K . 11.40 -2.75 21.55
C9 35M K . 12.64 -4.08 22.95
C8 35M K . 13.72 -4.89 23.19
C13 35M K . 12.74 -3.85 19.12
N1 35M K . 11.50 -3.32 18.73
C17 35M K . 11.32 -3.01 17.41
C16 35M K . 12.29 -3.18 16.44
C15 35M K . 13.51 -3.73 16.87
C14 35M K . 13.72 -4.13 18.18
C18 35M K . 14.69 -3.64 15.99
O1 35M K . 14.92 -2.66 15.29
O 35M K . 15.60 -4.65 15.99
MN MN L . 9.74 -3.56 20.17
ZN ZN M . 10.98 -14.90 32.56
C1 EDO N . 3.70 -14.22 27.00
O1 EDO N . 4.73 -13.33 27.48
C2 EDO N . 3.66 -15.46 27.87
O2 EDO N . 2.66 -16.35 27.33
C1 EDO O . 10.08 -3.40 0.32
O1 EDO O . 11.08 -2.38 0.20
C2 EDO O . 10.33 -4.43 -0.76
O2 EDO O . 11.38 -5.31 -0.37
C1 EDO P . 11.74 -20.02 24.37
O1 EDO P . 11.21 -19.97 23.03
C2 EDO P . 11.73 -18.62 25.01
O2 EDO P . 12.25 -18.63 26.36
S DMS Q . 14.02 -0.26 22.49
O DMS Q . 13.98 -0.41 21.00
C1 DMS Q . 12.42 0.34 23.11
C2 DMS Q . 15.07 1.15 22.93
#